data_5Y1R
#
_entry.id   5Y1R
#
_cell.length_a   74.510
_cell.length_b   109.320
_cell.length_c   112.695
_cell.angle_alpha   90.000
_cell.angle_beta   90.000
_cell.angle_gamma   90.000
#
_symmetry.space_group_name_H-M   'P 21 21 21'
#
loop_
_entity.id
_entity.type
_entity.pdbx_description
1 polymer 'M1 family aminopeptidase'
2 non-polymer 'ZINC ION'
3 non-polymer 'MAGNESIUM ION'
4 non-polymer GLYCEROL
5 non-polymer (2R)-4-methyl-2-[(2-methylphenyl)carbamoylamino]-N-oxidanyl-pentanamide
6 water water
#
_entity_poly.entity_id   1
_entity_poly.type   'polypeptide(L)'
_entity_poly.pdbx_seq_one_letter_code
;MGSSHHHHHHSSGLVPRGSHMASEPKIHYRKDYKPSGFIINNVTLNINIHDNETIVRSVLDMDISKHNVGEDLVFDGVGL
KINEISINNKKLVEGEEYTYDNEFLTIFSKFVPKSKFAFSSEVIIHPETNYALTGLYKSKNIIVSQCEATGFRRITFFID
RPDMMAKYDVTVTADKEKYPVLLSNGDKVNEFEIPGGRHGARFNDPHLKPCYLFAVVAGDLKHLSATYITKYTKKKVELY
VFSEEKYVSKLQWALECLKKSMAFDEDYFGLEYDLSRLNLVAVSDFNVGAMENKGLNIFNANSLLASKKNSIDFSYARIL
TVVGHEYFHNYTGNRVTLRDWFQLTLKEGLTVHRENLFSEEMTKTVTTRLSHVDLLRSVQFLEDSSPLSHPIRPESYVSM
ENFYTTTVYDKGSEVMRMYLTILGEEYYKKGFDIYIKKNDGNTATCEDFNYAMEQAYKMKKADNSANLNQYLLWFSQSGT
PHVSFKYNYDAEKKQYSIHVNQYTKPDENQKEKKPLFIPISVGLINPENGKEMISQTTLELTKESDTFVFNNIAVKPIPS
LFRGFSAPVYIEDNLTDEERILLLKYDSDAFVRYNSCTNIYMKQILMNYNEFLKAKNEKLESFNLTPVNAQFIDAIKYLL
EDPHADAGFKSYIVSLPQDRYIINFVSNLDTDVLADTKEYIYKQIGDKLNDVYYKMFKSLEAKADDLTYFNDESHVDFDQ
MNMRTLRNTLLSLLSKAQYPNILNEIIEHSKSPYPSNWLTSLSVSAYFDKYFELYDKTYKLSKDDELLLQEWLKTVSRSD
RKDIYEILKKLENEVLKDSKNPNDIRAVYLPFTNNLRRFHDISGKGYKLIAEVITKTDKFNPMVATQLCEPFKLWNKLDT
KRQELMLNEMNTMLQEPNISNNLKEYLLRLTNKL
;
_entity_poly.pdbx_strand_id   A
#
loop_
_chem_comp.id
_chem_comp.type
_chem_comp.name
_chem_comp.formula
8KR non-polymer (2R)-4-methyl-2-[(2-methylphenyl)carbamoylamino]-N-oxidanyl-pentanamide 'C14 H21 N3 O3'
GOL non-polymer GLYCEROL 'C3 H8 O3'
MG non-polymer 'MAGNESIUM ION' 'Mg 2'
ZN non-polymer 'ZINC ION' 'Zn 2'
#
# COMPACT_ATOMS: atom_id res chain seq x y z
N PRO A 25 13.70 -19.69 16.54
CA PRO A 25 13.41 -18.24 16.59
C PRO A 25 12.42 -17.79 17.72
N LYS A 26 12.56 -16.57 18.20
CA LYS A 26 11.67 -16.04 19.28
C LYS A 26 10.21 -15.60 18.82
N ILE A 27 9.19 -16.34 19.24
CA ILE A 27 7.79 -16.12 18.77
C ILE A 27 6.82 -15.43 19.75
N HIS A 28 6.27 -14.29 19.30
CA HIS A 28 5.21 -13.56 20.05
C HIS A 28 3.80 -14.03 19.62
N TYR A 29 2.92 -14.29 20.59
CA TYR A 29 1.54 -14.78 20.39
C TYR A 29 0.49 -13.81 20.84
N ARG A 30 -0.50 -13.55 19.97
CA ARG A 30 -1.52 -12.61 20.31
C ARG A 30 -2.21 -12.89 21.65
N LYS A 31 -2.50 -14.16 21.93
CA LYS A 31 -3.17 -14.54 23.16
C LYS A 31 -2.42 -14.21 24.49
N ASP A 32 -1.11 -14.02 24.40
CA ASP A 32 -0.25 -13.87 25.59
C ASP A 32 -0.09 -12.40 25.94
N TYR A 33 -0.76 -11.48 25.22
CA TYR A 33 -0.74 -10.06 25.69
C TYR A 33 -1.03 -9.88 27.21
N LYS A 34 -0.15 -9.12 27.88
CA LYS A 34 -0.40 -8.66 29.23
C LYS A 34 0.16 -7.25 29.43
N PRO A 35 -0.50 -6.48 30.27
CA PRO A 35 -0.03 -5.13 30.47
C PRO A 35 1.29 -5.15 31.22
N SER A 36 2.06 -4.08 31.05
CA SER A 36 3.34 -3.99 31.68
C SER A 36 3.24 -3.80 33.19
N GLY A 37 4.26 -4.28 33.85
CA GLY A 37 4.48 -3.98 35.27
C GLY A 37 4.99 -2.59 35.61
N PHE A 38 5.22 -1.78 34.56
CA PHE A 38 5.83 -0.49 34.67
C PHE A 38 4.99 0.51 33.88
N ILE A 39 5.17 1.77 34.22
CA ILE A 39 4.55 2.89 33.54
C ILE A 39 5.66 3.91 33.29
N ILE A 40 5.67 4.48 32.06
CA ILE A 40 6.56 5.56 31.71
C ILE A 40 5.65 6.78 31.47
N ASN A 41 5.77 7.78 32.32
CA ASN A 41 4.89 8.94 32.20
C ASN A 41 5.44 10.09 31.41
N ASN A 42 6.72 10.38 31.58
CA ASN A 42 7.39 11.48 30.88
C ASN A 42 8.70 11.02 30.33
N VAL A 43 9.04 11.55 29.17
CA VAL A 43 10.30 11.32 28.52
C VAL A 43 10.97 12.63 28.24
N THR A 44 12.16 12.86 28.75
CA THR A 44 12.90 14.10 28.50
C THR A 44 14.20 13.73 27.77
N LEU A 45 14.34 14.16 26.52
CA LEU A 45 15.45 13.75 25.67
C LEU A 45 16.30 14.92 25.32
N ASN A 46 17.60 14.68 25.25
CA ASN A 46 18.56 15.64 24.68
C ASN A 46 19.30 14.82 23.61
N ILE A 47 19.20 15.25 22.37
CA ILE A 47 19.81 14.57 21.24
C ILE A 47 20.83 15.54 20.64
N ASN A 48 22.11 15.21 20.86
CA ASN A 48 23.18 16.13 20.49
C ASN A 48 23.90 15.49 19.31
N ILE A 49 23.68 16.10 18.14
CA ILE A 49 24.24 15.56 16.85
C ILE A 49 25.60 16.14 16.63
N HIS A 50 26.57 15.23 16.40
CA HIS A 50 27.91 15.68 16.01
C HIS A 50 28.30 14.94 14.68
N ASP A 51 29.43 15.31 14.03
CA ASP A 51 29.77 14.66 12.75
C ASP A 51 29.90 13.14 12.81
N ASN A 52 30.55 12.66 13.87
CA ASN A 52 30.87 11.26 13.96
C ASN A 52 30.21 10.54 15.10
N GLU A 53 29.22 11.16 15.72
CA GLU A 53 28.43 10.47 16.73
C GLU A 53 27.26 11.36 17.09
N THR A 54 26.18 10.72 17.58
CA THR A 54 25.05 11.42 18.20
C THR A 54 24.93 10.92 19.63
N ILE A 55 24.88 11.84 20.61
CA ILE A 55 24.73 11.46 22.02
C ILE A 55 23.27 11.70 22.40
N VAL A 56 22.63 10.71 22.99
CA VAL A 56 21.29 10.77 23.41
C VAL A 56 21.20 10.59 24.93
N ARG A 57 20.79 11.67 25.63
CA ARG A 57 20.57 11.58 27.05
C ARG A 57 19.09 11.55 27.23
N SER A 58 18.61 10.66 28.09
CA SER A 58 17.20 10.48 28.26
C SER A 58 16.83 10.26 29.72
N VAL A 59 15.84 11.04 30.20
CA VAL A 59 15.29 10.78 31.55
C VAL A 59 13.88 10.24 31.33
N LEU A 60 13.63 9.07 31.93
CA LEU A 60 12.32 8.53 31.97
C LEU A 60 11.71 8.63 33.41
N ASP A 61 10.59 9.36 33.52
CA ASP A 61 9.88 9.42 34.77
CA ASP A 61 9.79 9.51 34.75
C ASP A 61 8.90 8.29 34.78
N MET A 62 9.23 7.33 35.64
CA MET A 62 8.58 6.06 35.64
C MET A 62 7.86 5.73 36.94
N ASP A 63 7.12 4.65 36.90
CA ASP A 63 6.40 4.20 38.13
C ASP A 63 6.10 2.72 37.92
N ILE A 64 5.61 2.12 38.98
CA ILE A 64 5.20 0.73 39.03
C ILE A 64 3.69 0.68 38.80
N SER A 65 3.21 -0.21 37.92
CA SER A 65 1.78 -0.33 37.69
C SER A 65 1.11 -1.31 38.66
N LYS A 66 -0.21 -1.37 38.57
CA LYS A 66 -0.97 -2.32 39.39
C LYS A 66 -0.70 -3.79 39.01
N HIS A 67 -0.08 -4.04 37.88
CA HIS A 67 0.24 -5.35 37.43
C HIS A 67 1.62 -5.83 37.87
N ASN A 68 2.41 -4.94 38.49
CA ASN A 68 3.77 -5.29 38.88
C ASN A 68 3.76 -6.41 39.94
N VAL A 69 4.66 -7.34 39.77
CA VAL A 69 4.95 -8.49 40.70
C VAL A 69 6.41 -8.53 41.16
N GLY A 70 7.06 -7.36 41.17
CA GLY A 70 8.48 -7.24 41.58
C GLY A 70 9.48 -7.81 40.60
N GLU A 71 9.13 -7.82 39.31
CA GLU A 71 10.04 -8.28 38.27
C GLU A 71 11.20 -7.31 37.98
N ASP A 72 12.24 -7.87 37.43
CA ASP A 72 13.32 -7.13 36.76
C ASP A 72 12.69 -6.11 35.79
N LEU A 73 13.34 -4.97 35.70
CA LEU A 73 13.00 -3.92 34.77
C LEU A 73 13.79 -4.13 33.49
N VAL A 74 13.10 -4.50 32.39
CA VAL A 74 13.81 -4.82 31.16
C VAL A 74 13.44 -3.84 30.04
N PHE A 75 14.44 -3.17 29.56
CA PHE A 75 14.25 -2.17 28.47
C PHE A 75 14.76 -2.84 27.17
N ASP A 76 14.08 -2.47 26.09
CA ASP A 76 14.63 -2.69 24.78
C ASP A 76 15.69 -1.65 24.47
N GLY A 77 16.76 -2.05 23.82
CA GLY A 77 17.79 -1.11 23.41
C GLY A 77 18.76 -1.82 22.52
N VAL A 78 18.76 -1.46 21.26
CA VAL A 78 19.46 -2.24 20.23
C VAL A 78 20.61 -1.44 19.65
N GLY A 79 21.81 -1.97 19.81
CA GLY A 79 22.98 -1.36 19.19
C GLY A 79 23.43 -0.03 19.85
N LEU A 80 23.07 0.18 21.10
CA LEU A 80 23.38 1.39 21.83
C LEU A 80 24.71 1.26 22.56
N LYS A 81 25.51 2.28 22.56
CA LYS A 81 26.77 2.29 23.35
C LYS A 81 26.50 3.07 24.65
N ILE A 82 26.59 2.39 25.78
CA ILE A 82 26.22 3.03 27.05
C ILE A 82 27.34 3.90 27.57
N ASN A 83 27.04 5.17 27.83
CA ASN A 83 27.88 6.07 28.60
C ASN A 83 27.58 6.01 30.10
N GLU A 84 26.29 6.02 30.47
CA GLU A 84 25.91 5.95 31.82
C GLU A 84 24.45 5.51 32.01
N ILE A 85 24.18 4.88 33.14
CA ILE A 85 22.90 4.45 33.52
C ILE A 85 22.74 4.84 34.99
N SER A 86 21.60 5.39 35.34
CA SER A 86 21.29 5.63 36.78
C SER A 86 19.80 5.54 37.09
N ILE A 87 19.47 5.30 38.37
CA ILE A 87 18.13 5.40 38.85
C ILE A 87 18.14 6.32 40.09
N ASN A 88 17.31 7.34 40.11
CA ASN A 88 17.30 8.33 41.23
C ASN A 88 18.71 8.81 41.56
N ASN A 89 19.45 9.10 40.51
CA ASN A 89 20.79 9.59 40.60
C ASN A 89 21.79 8.65 41.24
N LYS A 90 21.47 7.39 41.34
CA LYS A 90 22.45 6.33 41.76
C LYS A 90 22.97 5.66 40.47
N LYS A 91 24.28 5.74 40.20
CA LYS A 91 24.87 5.12 39.04
C LYS A 91 24.69 3.60 39.19
N LEU A 92 24.27 2.91 38.13
CA LEU A 92 24.21 1.46 38.10
C LEU A 92 25.34 0.91 37.29
N VAL A 93 25.87 -0.24 37.67
CA VAL A 93 27.05 -0.78 37.06
C VAL A 93 26.83 -2.12 36.39
N GLU A 94 27.45 -2.32 35.21
CA GLU A 94 27.29 -3.52 34.47
C GLU A 94 27.74 -4.75 35.25
N GLY A 95 26.95 -5.82 35.32
CA GLY A 95 27.40 -7.02 36.08
C GLY A 95 26.97 -6.95 37.52
N GLU A 96 26.62 -5.77 38.02
CA GLU A 96 26.28 -5.62 39.41
C GLU A 96 24.85 -5.26 39.60
N GLU A 97 24.40 -4.22 38.91
CA GLU A 97 22.98 -3.83 39.02
C GLU A 97 22.23 -4.06 37.66
N TYR A 98 22.93 -4.24 36.54
CA TYR A 98 22.27 -4.39 35.27
C TYR A 98 23.08 -5.30 34.38
N THR A 99 22.41 -5.87 33.40
CA THR A 99 23.08 -6.48 32.24
C THR A 99 22.60 -5.85 30.94
N TYR A 100 23.50 -5.81 29.97
CA TYR A 100 23.17 -5.36 28.59
C TYR A 100 23.83 -6.24 27.55
N ASP A 101 23.01 -6.81 26.67
CA ASP A 101 23.48 -7.73 25.61
C ASP A 101 23.33 -7.20 24.19
N ASN A 102 23.28 -5.88 24.10
CA ASN A 102 23.09 -5.16 22.85
CA ASN A 102 23.09 -5.13 22.87
C ASN A 102 21.67 -5.25 22.27
N GLU A 103 20.76 -5.86 22.99
CA GLU A 103 19.31 -5.91 22.67
C GLU A 103 18.35 -5.56 23.83
N PHE A 104 18.68 -6.03 25.04
CA PHE A 104 17.90 -5.84 26.24
C PHE A 104 18.79 -5.37 27.36
N LEU A 105 18.36 -4.31 28.05
CA LEU A 105 18.95 -3.81 29.29
C LEU A 105 18.11 -4.31 30.40
N THR A 106 18.73 -5.12 31.29
CA THR A 106 17.98 -5.67 32.41
C THR A 106 18.48 -5.03 33.69
N ILE A 107 17.58 -4.41 34.42
CA ILE A 107 17.92 -3.81 35.71
C ILE A 107 17.39 -4.83 36.72
N PHE A 108 18.29 -5.43 37.52
CA PHE A 108 17.83 -6.36 38.55
C PHE A 108 16.83 -5.80 39.58
N SER A 109 15.79 -6.61 39.89
CA SER A 109 14.65 -6.14 40.65
C SER A 109 15.02 -5.46 42.00
N LYS A 110 16.05 -5.91 42.69
CA LYS A 110 16.47 -5.18 43.91
C LYS A 110 16.76 -3.73 43.76
N PHE A 111 17.14 -3.30 42.56
CA PHE A 111 17.45 -1.97 42.28
C PHE A 111 16.40 -1.20 41.56
N VAL A 112 15.25 -1.80 41.36
CA VAL A 112 14.09 -1.19 40.75
C VAL A 112 13.21 -0.66 41.90
N PRO A 113 13.07 0.64 41.98
CA PRO A 113 12.21 1.27 43.03
C PRO A 113 10.79 0.80 43.06
N LYS A 114 10.17 0.90 44.24
CA LYS A 114 8.77 0.47 44.38
C LYS A 114 7.70 1.56 44.22
N SER A 115 8.12 2.80 43.99
CA SER A 115 7.21 3.88 43.64
C SER A 115 7.90 4.82 42.60
N LYS A 116 7.27 5.92 42.26
CA LYS A 116 7.80 6.77 41.22
C LYS A 116 9.30 6.96 41.29
N PHE A 117 9.99 6.81 40.14
CA PHE A 117 11.45 6.94 40.06
C PHE A 117 11.87 7.52 38.75
N ALA A 118 13.09 8.00 38.73
CA ALA A 118 13.70 8.61 37.51
C ALA A 118 14.77 7.69 36.99
N PHE A 119 14.62 7.26 35.74
CA PHE A 119 15.66 6.42 35.10
C PHE A 119 16.36 7.27 34.10
N SER A 120 17.67 7.30 34.15
CA SER A 120 18.51 8.13 33.30
C SER A 120 19.49 7.25 32.56
N SER A 121 19.56 7.46 31.24
CA SER A 121 20.62 6.88 30.41
C SER A 121 21.22 7.85 29.47
N GLU A 122 22.49 7.61 29.12
CA GLU A 122 23.15 8.34 28.06
C GLU A 122 23.83 7.35 27.18
N VAL A 123 23.52 7.42 25.89
CA VAL A 123 24.08 6.48 24.95
C VAL A 123 24.59 7.22 23.75
N ILE A 124 25.43 6.48 23.03
CA ILE A 124 25.96 6.97 21.76
C ILE A 124 25.46 6.08 20.60
N ILE A 125 25.00 6.75 19.54
CA ILE A 125 24.53 6.13 18.27
C ILE A 125 25.20 6.90 17.10
N HIS A 126 25.01 6.30 15.89
CA HIS A 126 25.74 6.76 14.70
C HIS A 126 24.88 6.81 13.48
N PRO A 127 24.08 7.89 13.34
CA PRO A 127 23.15 7.96 12.20
C PRO A 127 23.86 7.91 10.88
N GLU A 128 25.08 8.43 10.86
CA GLU A 128 25.87 8.48 9.60
C GLU A 128 26.23 7.13 9.02
N THR A 129 26.18 6.04 9.79
CA THR A 129 26.44 4.71 9.30
C THR A 129 25.17 3.81 9.37
N ASN A 130 24.01 4.42 9.59
CA ASN A 130 22.78 3.61 9.76
C ASN A 130 22.14 3.51 8.37
N TYR A 131 22.46 2.47 7.62
CA TYR A 131 21.93 2.33 6.28
C TYR A 131 20.67 1.50 6.21
N ALA A 132 20.16 1.06 7.36
CA ALA A 132 18.93 0.32 7.48
C ALA A 132 17.71 1.21 7.49
N LEU A 133 17.92 2.50 7.85
CA LEU A 133 16.88 3.54 7.75
C LEU A 133 15.82 3.32 8.76
N THR A 134 16.24 2.77 9.90
CA THR A 134 15.35 2.57 11.07
CA THR A 134 15.34 2.62 11.06
C THR A 134 16.09 3.11 12.29
N GLY A 135 15.39 3.74 13.23
CA GLY A 135 16.07 4.50 14.27
C GLY A 135 16.46 5.88 13.76
N LEU A 136 17.60 6.39 14.16
CA LEU A 136 18.09 7.70 13.71
C LEU A 136 19.12 7.52 12.63
N TYR A 137 18.91 8.14 11.48
CA TYR A 137 19.79 7.92 10.31
C TYR A 137 20.00 9.15 9.50
N LYS A 138 21.00 9.12 8.65
CA LYS A 138 21.30 10.18 7.72
C LYS A 138 20.86 9.85 6.32
N SER A 139 20.09 10.77 5.75
CA SER A 139 19.61 10.70 4.40
C SER A 139 20.15 11.89 3.63
N LYS A 140 21.20 11.68 2.84
CA LYS A 140 21.88 12.75 2.20
C LYS A 140 22.40 13.69 3.27
N ASN A 141 21.96 14.91 3.32
CA ASN A 141 22.49 15.79 4.36
C ASN A 141 21.44 16.05 5.47
N ILE A 142 20.38 15.22 5.57
CA ILE A 142 19.34 15.38 6.59
C ILE A 142 19.49 14.25 7.58
N ILE A 143 19.42 14.58 8.86
CA ILE A 143 19.32 13.52 9.90
C ILE A 143 17.85 13.36 10.21
N VAL A 144 17.36 12.11 10.23
CA VAL A 144 15.94 11.83 10.41
C VAL A 144 15.72 10.55 11.14
N SER A 145 14.59 10.42 11.80
CA SER A 145 14.25 9.18 12.46
C SER A 145 13.15 8.41 11.75
N GLN A 146 13.13 7.09 12.00
CA GLN A 146 11.97 6.26 11.72
C GLN A 146 11.87 5.32 12.87
N CYS A 147 10.80 5.46 13.65
CA CYS A 147 10.65 4.63 14.85
C CYS A 147 9.62 3.52 14.72
N GLU A 148 8.55 3.66 13.94
CA GLU A 148 7.63 2.54 13.79
C GLU A 148 8.29 1.41 13.01
N ALA A 149 8.23 0.14 13.44
CA ALA A 149 7.58 -0.28 14.70
C ALA A 149 8.59 -0.38 15.84
N THR A 150 9.80 -0.84 15.55
CA THR A 150 10.81 -1.14 16.61
C THR A 150 12.06 -0.28 16.54
N GLY A 151 11.96 0.89 15.96
CA GLY A 151 13.07 1.74 15.80
C GLY A 151 13.43 2.61 16.99
N PHE A 152 12.48 2.97 17.89
CA PHE A 152 12.85 3.87 18.97
C PHE A 152 13.93 3.25 19.86
N ARG A 153 13.89 1.93 20.02
CA ARG A 153 14.91 1.21 20.81
C ARG A 153 16.28 1.32 20.18
N ARG A 154 16.40 1.73 18.91
CA ARG A 154 17.75 1.96 18.32
C ARG A 154 18.24 3.40 18.55
N ILE A 155 17.44 4.23 19.24
CA ILE A 155 17.79 5.59 19.58
C ILE A 155 18.16 5.67 21.11
N THR A 156 17.30 5.09 21.94
CA THR A 156 17.51 5.06 23.40
C THR A 156 16.77 3.92 24.00
N PHE A 157 16.97 3.65 25.30
CA PHE A 157 16.29 2.58 25.95
C PHE A 157 14.82 2.91 26.20
N PHE A 158 13.95 1.92 26.00
CA PHE A 158 12.53 2.09 26.28
C PHE A 158 11.86 0.75 26.43
N ILE A 159 10.66 0.76 26.96
CA ILE A 159 9.78 -0.42 26.93
C ILE A 159 9.00 -0.22 25.65
N ASP A 160 9.62 -0.66 24.53
CA ASP A 160 9.26 -0.25 23.16
C ASP A 160 8.12 -1.10 22.63
N ARG A 161 6.95 -0.66 23.03
CA ARG A 161 5.66 -1.29 22.69
C ARG A 161 4.56 -0.26 22.82
N PRO A 162 3.51 -0.33 21.97
CA PRO A 162 2.64 0.81 21.79
C PRO A 162 1.69 1.10 22.92
N ASP A 163 1.57 0.21 23.91
CA ASP A 163 0.76 0.53 25.06
C ASP A 163 1.48 1.36 26.14
N MET A 164 2.76 1.68 25.89
CA MET A 164 3.51 2.46 26.87
C MET A 164 3.48 3.92 26.50
N MET A 165 2.41 4.60 26.91
CA MET A 165 2.18 5.90 26.41
C MET A 165 2.72 6.93 27.40
N ALA A 166 3.30 8.01 26.86
CA ALA A 166 4.04 9.01 27.66
C ALA A 166 4.02 10.38 26.99
N LYS A 167 4.38 11.43 27.74
CA LYS A 167 4.55 12.76 27.17
C LYS A 167 6.01 13.12 27.01
N TYR A 168 6.33 13.85 25.91
CA TYR A 168 7.68 13.99 25.49
C TYR A 168 8.15 15.44 25.46
N ASP A 169 9.34 15.67 26.03
CA ASP A 169 10.09 16.96 26.05
C ASP A 169 11.44 16.71 25.41
N VAL A 170 11.61 17.25 24.21
CA VAL A 170 12.76 16.92 23.36
C VAL A 170 13.60 18.11 23.01
N THR A 171 14.90 18.04 23.33
CA THR A 171 15.87 19.05 22.90
C THR A 171 16.77 18.41 21.86
N VAL A 172 16.94 19.13 20.76
CA VAL A 172 17.88 18.74 19.71
C VAL A 172 18.97 19.80 19.60
N THR A 173 20.23 19.37 19.56
CA THR A 173 21.33 20.26 19.30
C THR A 173 22.18 19.80 18.11
N ALA A 174 22.75 20.77 17.39
CA ALA A 174 23.61 20.42 16.24
C ALA A 174 24.40 21.65 15.77
N ASP A 175 25.36 21.41 14.89
CA ASP A 175 26.03 22.50 14.17
C ASP A 175 25.01 23.33 13.39
N LYS A 176 25.08 24.64 13.58
CA LYS A 176 24.13 25.54 12.99
C LYS A 176 24.22 25.65 11.49
N GLU A 177 25.44 25.67 10.95
CA GLU A 177 25.57 25.85 9.50
C GLU A 177 25.08 24.61 8.71
N LYS A 178 25.37 23.42 9.21
CA LYS A 178 24.92 22.20 8.55
C LYS A 178 23.48 21.90 8.79
N TYR A 179 23.02 22.17 10.02
CA TYR A 179 21.69 21.75 10.47
C TYR A 179 20.89 22.91 11.04
N PRO A 180 20.55 23.88 10.17
CA PRO A 180 19.87 25.08 10.67
C PRO A 180 18.40 24.92 11.09
N VAL A 181 17.75 23.85 10.56
CA VAL A 181 16.35 23.55 10.91
C VAL A 181 16.35 22.26 11.74
N LEU A 182 15.77 22.43 12.94
CA LEU A 182 15.67 21.36 13.93
C LEU A 182 14.19 21.20 14.26
N LEU A 183 13.66 19.97 14.14
CA LEU A 183 12.27 19.69 14.39
C LEU A 183 12.14 18.42 15.28
N SER A 184 11.17 18.46 16.18
CA SER A 184 10.63 17.30 16.84
C SER A 184 9.15 17.48 17.02
N ASN A 185 8.49 16.51 17.66
CA ASN A 185 7.05 16.57 17.73
C ASN A 185 6.57 17.69 18.64
N GLY A 186 5.54 18.39 18.20
CA GLY A 186 4.85 19.27 19.09
C GLY A 186 5.35 20.74 18.98
N ASP A 187 5.03 21.51 20.00
CA ASP A 187 5.28 22.95 20.08
C ASP A 187 6.75 23.23 20.27
N LYS A 188 7.31 24.15 19.50
CA LYS A 188 8.71 24.56 19.67
C LYS A 188 8.68 25.61 20.79
N VAL A 189 9.22 25.32 21.93
CA VAL A 189 9.11 26.21 23.07
C VAL A 189 10.35 27.04 23.34
N ASN A 190 11.49 26.73 22.75
CA ASN A 190 12.67 27.56 22.92
C ASN A 190 13.70 27.23 21.80
N GLU A 191 14.51 28.21 21.47
CA GLU A 191 15.58 28.08 20.53
C GLU A 191 16.74 28.86 21.12
N PHE A 192 17.93 28.29 21.02
CA PHE A 192 19.11 28.88 21.69
C PHE A 192 20.41 28.59 20.99
N GLU A 193 21.31 29.55 21.17
CA GLU A 193 22.70 29.36 20.66
C GLU A 193 23.53 28.63 21.65
N ILE A 194 24.53 27.91 21.15
CA ILE A 194 25.46 27.14 21.94
C ILE A 194 26.85 27.44 21.46
N PRO A 195 27.80 27.60 22.41
CA PRO A 195 29.17 27.88 21.90
C PRO A 195 29.74 26.89 20.87
N GLY A 196 30.59 27.38 19.99
CA GLY A 196 31.28 26.51 19.02
C GLY A 196 30.47 26.30 17.75
N GLY A 197 29.59 27.25 17.43
CA GLY A 197 28.81 27.26 16.22
C GLY A 197 27.62 26.29 16.22
N ARG A 198 27.20 25.87 17.40
CA ARG A 198 26.03 25.00 17.58
C ARG A 198 24.79 25.76 17.95
N HIS A 199 23.62 25.06 17.93
CA HIS A 199 22.37 25.64 18.39
C HIS A 199 21.45 24.53 18.75
N GLY A 200 20.40 24.90 19.44
CA GLY A 200 19.41 23.96 19.97
C GLY A 200 18.03 24.48 19.86
N ALA A 201 17.10 23.50 19.90
CA ALA A 201 15.68 23.82 19.94
C ALA A 201 15.03 22.77 20.85
N ARG A 202 14.05 23.24 21.57
CA ARG A 202 13.27 22.41 22.50
C ARG A 202 11.81 22.33 22.08
N PHE A 203 11.26 21.08 22.14
CA PHE A 203 9.92 20.76 21.75
C PHE A 203 9.15 20.16 22.89
N ASN A 204 7.87 20.52 23.01
CA ASN A 204 6.94 19.90 23.97
C ASN A 204 5.76 19.37 23.22
N ASP A 205 5.52 18.06 23.31
CA ASP A 205 4.33 17.46 22.68
C ASP A 205 3.39 17.10 23.77
N PRO A 206 2.27 17.87 23.86
CA PRO A 206 1.35 17.70 24.97
C PRO A 206 0.53 16.42 24.90
N HIS A 207 0.47 15.75 23.76
CA HIS A 207 -0.42 14.61 23.60
C HIS A 207 0.35 13.32 23.99
N LEU A 208 -0.26 12.51 24.87
CA LEU A 208 0.31 11.22 25.27
C LEU A 208 0.48 10.41 23.99
N LYS A 209 1.64 9.74 23.86
CA LYS A 209 1.84 8.87 22.69
C LYS A 209 2.74 7.73 22.99
N PRO A 210 2.62 6.67 22.23
CA PRO A 210 3.62 5.60 22.16
C PRO A 210 4.92 6.06 21.46
N CYS A 211 6.01 5.40 21.77
CA CYS A 211 7.29 5.81 21.29
C CYS A 211 7.41 5.66 19.75
N TYR A 212 6.58 4.84 19.10
CA TYR A 212 6.68 4.70 17.65
C TYR A 212 6.33 5.98 16.90
N LEU A 213 5.69 6.95 17.57
CA LEU A 213 5.31 8.20 16.97
C LEU A 213 6.30 9.35 17.25
N PHE A 214 7.40 9.08 17.97
CA PHE A 214 8.45 10.03 18.17
C PHE A 214 9.14 10.25 16.84
N ALA A 215 9.48 11.52 16.59
CA ALA A 215 10.36 11.88 15.44
C ALA A 215 11.22 13.06 15.70
N VAL A 216 12.39 13.05 15.05
CA VAL A 216 13.26 14.24 15.02
C VAL A 216 13.81 14.37 13.59
N VAL A 217 14.05 15.59 13.20
CA VAL A 217 14.69 15.92 11.89
C VAL A 217 15.64 17.09 12.11
N ALA A 218 16.80 17.00 11.45
CA ALA A 218 17.77 18.09 11.49
C ALA A 218 18.30 18.24 10.05
N GLY A 219 18.26 19.46 9.54
CA GLY A 219 18.76 19.64 8.15
C GLY A 219 18.76 21.05 7.68
N ASP A 220 19.36 21.26 6.53
CA ASP A 220 19.26 22.53 5.81
C ASP A 220 18.03 22.57 4.95
N LEU A 221 16.91 22.66 5.58
CA LEU A 221 15.65 22.47 4.86
C LEU A 221 15.00 23.81 4.52
N LYS A 222 14.34 23.82 3.40
CA LYS A 222 13.54 24.94 2.94
C LYS A 222 12.09 24.57 2.97
N HIS A 223 11.23 25.55 3.04
CA HIS A 223 9.80 25.29 3.25
C HIS A 223 8.84 26.11 2.47
N LEU A 224 7.61 25.62 2.35
CA LEU A 224 6.47 26.42 2.05
C LEU A 224 5.51 26.36 3.25
N SER A 225 4.73 27.41 3.49
CA SER A 225 3.81 27.38 4.59
C SER A 225 2.51 28.03 4.28
N ALA A 226 1.51 27.73 5.09
CA ALA A 226 0.19 28.35 4.96
C ALA A 226 -0.49 28.22 6.29
N THR A 227 -1.52 29.02 6.50
CA THR A 227 -2.33 28.96 7.67
C THR A 227 -3.68 28.35 7.34
N TYR A 228 -4.13 27.38 8.13
CA TYR A 228 -5.38 26.72 7.98
C TYR A 228 -6.24 27.03 9.23
N ILE A 229 -7.48 27.42 9.01
CA ILE A 229 -8.41 27.67 10.08
C ILE A 229 -9.45 26.55 10.19
N THR A 230 -9.52 25.90 11.37
CA THR A 230 -10.35 24.74 11.53
C THR A 230 -11.81 25.12 11.48
N LYS A 231 -12.59 24.16 11.01
CA LYS A 231 -13.95 24.45 10.54
C LYS A 231 -14.87 24.83 11.71
N TYR A 232 -14.77 24.10 12.81
CA TYR A 232 -15.75 24.17 13.94
C TYR A 232 -15.28 25.09 15.04
N THR A 233 -14.07 24.92 15.50
CA THR A 233 -13.44 25.67 16.61
C THR A 233 -12.59 26.89 16.18
N LYS A 234 -12.39 27.00 14.87
CA LYS A 234 -11.67 28.13 14.27
C LYS A 234 -10.25 28.25 14.78
N LYS A 235 -9.61 27.10 15.06
CA LYS A 235 -8.23 27.08 15.56
C LYS A 235 -7.31 27.42 14.34
N LYS A 236 -6.37 28.35 14.52
CA LYS A 236 -5.34 28.60 13.51
C LYS A 236 -4.24 27.57 13.56
N VAL A 237 -3.99 26.89 12.44
CA VAL A 237 -2.96 25.88 12.39
C VAL A 237 -1.93 26.32 11.34
N GLU A 238 -0.66 26.24 11.72
CA GLU A 238 0.39 26.61 10.77
C GLU A 238 0.82 25.34 10.10
N LEU A 239 0.76 25.31 8.75
CA LEU A 239 1.12 24.16 7.95
C LEU A 239 2.43 24.48 7.28
N TYR A 240 3.37 23.60 7.48
CA TYR A 240 4.75 23.70 6.86
C TYR A 240 5.03 22.41 6.07
N VAL A 241 5.61 22.56 4.86
CA VAL A 241 6.12 21.43 4.12
C VAL A 241 7.57 21.67 3.82
N PHE A 242 8.42 20.68 4.02
CA PHE A 242 9.87 20.88 3.94
C PHE A 242 10.60 19.94 2.98
N SER A 243 11.64 20.41 2.28
CA SER A 243 12.55 19.57 1.56
C SER A 243 13.93 20.18 1.55
N GLU A 244 14.88 19.43 1.01
CA GLU A 244 16.13 20.02 0.67
C GLU A 244 15.93 21.21 -0.33
N GLU A 245 16.88 22.16 -0.32
CA GLU A 245 16.78 23.36 -1.11
C GLU A 245 16.56 23.12 -2.62
N LYS A 246 17.30 22.14 -3.20
CA LYS A 246 17.21 21.81 -4.63
C LYS A 246 15.77 21.59 -5.08
N TYR A 247 14.92 21.07 -4.20
CA TYR A 247 13.60 20.63 -4.57
C TYR A 247 12.46 21.39 -3.92
N VAL A 248 12.73 22.57 -3.36
CA VAL A 248 11.67 23.32 -2.70
C VAL A 248 10.53 23.68 -3.68
N SER A 249 10.83 23.78 -4.97
CA SER A 249 9.83 24.08 -6.01
C SER A 249 8.84 22.95 -6.19
N LYS A 250 9.05 21.81 -5.50
CA LYS A 250 8.25 20.63 -5.73
C LYS A 250 7.27 20.36 -4.54
N LEU A 251 7.16 21.36 -3.67
CA LEU A 251 6.38 21.21 -2.45
C LEU A 251 4.92 21.59 -2.52
N GLN A 252 4.50 22.36 -3.52
CA GLN A 252 3.20 22.96 -3.45
C GLN A 252 2.03 21.99 -3.48
N TRP A 253 2.06 20.97 -4.32
CA TRP A 253 0.96 20.07 -4.38
C TRP A 253 0.75 19.35 -3.04
N ALA A 254 1.86 18.97 -2.35
CA ALA A 254 1.70 18.36 -1.03
C ALA A 254 0.95 19.25 -0.10
N LEU A 255 1.36 20.54 -0.07
CA LEU A 255 0.64 21.49 0.82
C LEU A 255 -0.82 21.58 0.50
N GLU A 256 -1.19 21.63 -0.79
CA GLU A 256 -2.55 21.67 -1.21
C GLU A 256 -3.28 20.35 -0.76
N CYS A 257 -2.62 19.21 -0.91
CA CYS A 257 -3.20 17.96 -0.51
C CYS A 257 -3.44 17.84 0.99
N LEU A 258 -2.58 18.48 1.77
CA LEU A 258 -2.76 18.54 3.22
C LEU A 258 -3.99 19.35 3.56
N LYS A 259 -4.17 20.48 2.89
CA LYS A 259 -5.40 21.33 3.11
C LYS A 259 -6.67 20.49 2.76
N LYS A 260 -6.60 19.79 1.64
CA LYS A 260 -7.69 18.92 1.23
C LYS A 260 -7.97 17.85 2.26
N SER A 261 -6.94 17.21 2.76
CA SER A 261 -7.09 16.17 3.77
C SER A 261 -7.72 16.68 5.05
N MET A 262 -7.25 17.86 5.49
CA MET A 262 -7.83 18.43 6.72
C MET A 262 -9.34 18.72 6.52
N ALA A 263 -9.70 19.31 5.36
CA ALA A 263 -11.10 19.66 5.11
C ALA A 263 -11.92 18.39 5.01
N PHE A 264 -11.38 17.31 4.41
CA PHE A 264 -12.12 16.09 4.28
C PHE A 264 -12.44 15.50 5.67
N ASP A 265 -11.40 15.41 6.52
CA ASP A 265 -11.69 14.83 7.87
C ASP A 265 -12.69 15.70 8.64
N GLU A 266 -12.65 17.04 8.48
CA GLU A 266 -13.69 17.90 9.11
C GLU A 266 -15.08 17.61 8.54
N ASP A 267 -15.17 17.57 7.21
CA ASP A 267 -16.41 17.46 6.49
C ASP A 267 -17.10 16.11 6.64
N TYR A 268 -16.38 15.00 6.53
CA TYR A 268 -16.98 13.67 6.60
C TYR A 268 -17.08 13.18 8.02
N PHE A 269 -16.01 13.33 8.80
CA PHE A 269 -15.86 12.76 10.15
C PHE A 269 -16.00 13.73 11.32
N GLY A 270 -16.05 15.02 11.05
CA GLY A 270 -16.10 16.07 12.08
C GLY A 270 -14.84 16.20 12.94
N LEU A 271 -13.72 15.78 12.38
CA LEU A 271 -12.47 15.74 13.10
C LEU A 271 -11.54 16.87 12.71
N GLU A 272 -11.12 17.62 13.73
CA GLU A 272 -10.19 18.76 13.62
C GLU A 272 -8.81 18.46 14.10
N TYR A 273 -7.83 19.06 13.44
CA TYR A 273 -6.44 18.97 13.90
C TYR A 273 -6.26 19.57 15.29
N ASP A 274 -5.27 19.07 16.02
CA ASP A 274 -5.16 19.23 17.48
C ASP A 274 -3.85 19.79 18.00
N LEU A 275 -3.06 20.38 17.12
CA LEU A 275 -1.90 21.13 17.49
C LEU A 275 -1.86 22.44 16.71
N SER A 276 -1.05 23.38 17.18
CA SER A 276 -0.94 24.66 16.49
C SER A 276 -0.14 24.59 15.22
N ARG A 277 0.61 23.53 15.01
CA ARG A 277 1.47 23.40 13.83
C ARG A 277 1.48 21.97 13.40
N LEU A 278 1.59 21.83 12.07
CA LEU A 278 1.76 20.39 11.39
C LEU A 278 2.92 20.55 10.38
N ASN A 279 3.99 19.77 10.50
CA ASN A 279 5.08 19.79 9.57
C ASN A 279 5.07 18.49 8.75
N LEU A 280 5.31 18.59 7.41
CA LEU A 280 5.59 17.45 6.61
C LEU A 280 6.99 17.64 6.05
N VAL A 281 7.78 16.58 6.02
CA VAL A 281 9.19 16.64 5.61
C VAL A 281 9.51 15.51 4.63
N ALA A 282 10.07 15.86 3.47
CA ALA A 282 10.56 14.89 2.47
C ALA A 282 12.04 14.54 2.72
N VAL A 283 12.34 13.25 2.68
CA VAL A 283 13.73 12.72 2.71
C VAL A 283 13.93 11.75 1.58
N SER A 284 15.12 11.73 1.02
CA SER A 284 15.43 10.95 -0.15
C SER A 284 15.47 9.43 0.11
N ASP A 285 15.87 9.03 1.33
CA ASP A 285 16.15 7.61 1.71
C ASP A 285 15.11 7.19 2.72
N PHE A 286 14.14 6.38 2.28
CA PHE A 286 13.02 6.00 3.14
C PHE A 286 12.53 4.64 2.73
N ASN A 287 12.26 3.79 3.75
CA ASN A 287 11.97 2.41 3.41
C ASN A 287 10.67 2.17 2.77
N VAL A 288 9.64 2.98 3.07
CA VAL A 288 8.33 2.78 2.53
C VAL A 288 7.79 4.16 2.06
N GLY A 289 6.53 4.53 2.25
CA GLY A 289 5.94 5.72 1.67
C GLY A 289 6.04 6.96 2.55
N ALA A 290 5.61 6.81 3.82
CA ALA A 290 5.64 7.92 4.79
C ALA A 290 5.21 7.43 6.15
N MET A 291 5.29 8.31 7.13
CA MET A 291 5.10 8.00 8.54
C MET A 291 4.40 9.12 9.24
N GLU A 292 3.45 8.74 10.08
CA GLU A 292 2.54 9.65 10.75
C GLU A 292 2.96 10.26 12.10
N ASN A 293 4.25 10.46 12.29
CA ASN A 293 4.71 10.97 13.62
C ASN A 293 3.92 12.22 13.98
N LYS A 294 3.54 12.36 15.25
CA LYS A 294 2.60 13.41 15.64
C LYS A 294 3.15 14.77 15.35
N GLY A 295 2.44 15.54 14.53
CA GLY A 295 2.83 16.92 14.19
C GLY A 295 4.04 16.99 13.24
N LEU A 296 4.60 15.87 12.83
CA LEU A 296 5.89 15.79 12.11
C LEU A 296 5.92 14.56 11.22
N ASN A 297 5.07 14.59 10.17
CA ASN A 297 4.96 13.47 9.25
C ASN A 297 6.16 13.48 8.33
N ILE A 298 6.79 12.32 8.14
CA ILE A 298 8.03 12.21 7.36
C ILE A 298 7.76 11.30 6.18
N PHE A 299 8.17 11.74 4.99
CA PHE A 299 7.85 11.08 3.74
C PHE A 299 9.05 10.69 2.93
N ASN A 300 8.90 9.57 2.23
CA ASN A 300 9.76 9.35 1.09
C ASN A 300 9.52 10.52 0.14
N ALA A 301 10.60 11.10 -0.39
CA ALA A 301 10.41 12.21 -1.30
C ALA A 301 9.54 11.86 -2.52
N ASN A 302 9.53 10.58 -2.94
CA ASN A 302 8.70 10.18 -4.06
C ASN A 302 7.20 10.25 -3.72
N SER A 303 6.87 10.44 -2.47
CA SER A 303 5.47 10.48 -2.00
C SER A 303 5.08 11.85 -1.44
N LEU A 304 5.95 12.84 -1.61
CA LEU A 304 5.65 14.19 -1.25
C LEU A 304 5.96 15.25 -2.36
N LEU A 305 6.96 15.02 -3.18
CA LEU A 305 7.47 16.02 -4.12
C LEU A 305 7.04 15.73 -5.54
N ALA A 306 6.49 16.79 -6.20
CA ALA A 306 6.23 16.76 -7.63
C ALA A 306 6.29 18.10 -8.26
N SER A 307 6.57 18.09 -9.55
CA SER A 307 6.29 19.34 -10.34
C SER A 307 5.84 18.83 -11.73
N LYS A 308 5.00 19.61 -12.40
CA LYS A 308 4.34 19.09 -13.63
C LYS A 308 5.34 18.94 -14.75
N LYS A 309 6.47 19.66 -14.72
CA LYS A 309 7.47 19.42 -15.75
C LYS A 309 8.44 18.32 -15.40
N ASN A 310 8.43 17.84 -14.16
CA ASN A 310 9.45 16.88 -13.69
C ASN A 310 8.96 15.65 -13.03
N SER A 311 7.65 15.39 -13.14
CA SER A 311 7.02 14.26 -12.52
C SER A 311 6.01 13.69 -13.48
N ILE A 312 5.85 12.37 -13.46
CA ILE A 312 4.73 11.74 -14.14
C ILE A 312 3.39 11.95 -13.42
N ASP A 313 2.30 11.86 -14.18
CA ASP A 313 0.97 12.04 -13.68
C ASP A 313 0.70 11.25 -12.39
N PHE A 314 1.16 9.99 -12.35
CA PHE A 314 0.82 9.12 -11.22
C PHE A 314 1.40 9.66 -9.92
N SER A 315 2.45 10.49 -9.98
CA SER A 315 2.94 11.14 -8.75
C SER A 315 1.92 11.90 -8.06
N TYR A 316 1.06 12.59 -8.80
CA TYR A 316 0.04 13.45 -8.19
C TYR A 316 -0.98 12.69 -7.36
N ALA A 317 -1.48 11.58 -7.86
CA ALA A 317 -2.36 10.76 -7.11
C ALA A 317 -1.65 10.12 -5.95
N ARG A 318 -0.41 9.75 -6.13
CA ARG A 318 0.35 9.11 -5.05
C ARG A 318 0.53 10.07 -3.89
N ILE A 319 0.87 11.32 -4.16
CA ILE A 319 1.07 12.30 -3.11
C ILE A 319 -0.26 12.56 -2.41
N LEU A 320 -1.35 12.71 -3.17
CA LEU A 320 -2.64 12.93 -2.59
CA LEU A 320 -2.64 12.94 -2.56
C LEU A 320 -2.96 11.81 -1.59
N THR A 321 -2.77 10.59 -2.03
CA THR A 321 -3.14 9.47 -1.14
C THR A 321 -2.21 9.38 0.06
N VAL A 322 -0.91 9.59 -0.11
CA VAL A 322 0.02 9.42 1.01
C VAL A 322 -0.10 10.58 2.04
N VAL A 323 -0.22 11.81 1.57
CA VAL A 323 -0.51 12.91 2.52
C VAL A 323 -1.78 12.68 3.27
N GLY A 324 -2.79 12.28 2.55
CA GLY A 324 -4.08 12.00 3.17
C GLY A 324 -3.95 10.88 4.24
N HIS A 325 -3.35 9.80 3.85
CA HIS A 325 -3.13 8.64 4.75
C HIS A 325 -2.45 9.07 6.02
N GLU A 326 -1.28 9.74 5.94
CA GLU A 326 -0.59 10.18 7.19
C GLU A 326 -1.45 11.14 7.97
N TYR A 327 -2.21 12.01 7.31
CA TYR A 327 -3.05 12.97 8.01
C TYR A 327 -4.14 12.24 8.80
N PHE A 328 -4.80 11.29 8.14
CA PHE A 328 -5.91 10.57 8.75
C PHE A 328 -5.46 9.75 9.95
N HIS A 329 -4.19 9.32 9.95
CA HIS A 329 -3.66 8.66 11.11
C HIS A 329 -3.71 9.56 12.36
N ASN A 330 -3.84 10.88 12.21
CA ASN A 330 -3.80 11.74 13.41
C ASN A 330 -4.87 11.31 14.41
N TYR A 331 -6.00 10.86 13.88
CA TYR A 331 -7.01 10.21 14.76
C TYR A 331 -6.91 8.72 14.75
N THR A 332 -6.89 8.08 13.56
CA THR A 332 -6.91 6.63 13.53
C THR A 332 -5.47 6.11 13.56
N GLY A 333 -4.92 6.10 14.78
CA GLY A 333 -3.54 5.68 15.03
C GLY A 333 -2.87 6.49 16.12
N ASN A 334 -3.09 7.81 16.10
CA ASN A 334 -2.39 8.70 17.01
C ASN A 334 -3.33 9.01 18.19
N ARG A 335 -4.39 9.73 18.00
CA ARG A 335 -5.33 10.02 19.09
C ARG A 335 -6.00 8.76 19.64
N VAL A 336 -6.25 7.76 18.79
CA VAL A 336 -6.58 6.42 19.25
C VAL A 336 -5.51 5.52 18.74
N THR A 337 -4.73 4.91 19.62
CA THR A 337 -3.56 4.10 19.15
C THR A 337 -3.81 2.60 19.38
N LEU A 338 -2.79 1.80 19.25
CA LEU A 338 -2.88 0.33 19.37
C LEU A 338 -2.48 -0.23 20.71
N ARG A 339 -3.22 -1.21 21.18
CA ARG A 339 -2.86 -1.88 22.43
C ARG A 339 -1.56 -2.68 22.25
N ASP A 340 -1.37 -3.26 21.06
CA ASP A 340 -0.28 -4.17 20.79
C ASP A 340 -0.24 -4.27 19.23
N TRP A 341 0.81 -4.85 18.69
CA TRP A 341 1.05 -4.83 17.24
C TRP A 341 0.15 -5.79 16.52
N PHE A 342 -0.49 -6.71 17.23
CA PHE A 342 -1.43 -7.59 16.57
C PHE A 342 -2.64 -6.78 16.08
N GLN A 343 -2.92 -5.63 16.66
CA GLN A 343 -3.98 -4.77 16.27
C GLN A 343 -3.65 -3.85 15.07
N LEU A 344 -2.52 -4.09 14.41
CA LEU A 344 -2.05 -3.18 13.36
C LEU A 344 -3.17 -2.76 12.37
N THR A 345 -4.00 -3.73 11.94
CA THR A 345 -5.03 -3.43 10.96
C THR A 345 -6.05 -2.39 11.48
N LEU A 346 -6.21 -2.26 12.78
CA LEU A 346 -7.10 -1.28 13.34
C LEU A 346 -6.68 0.15 12.96
N LYS A 347 -5.38 0.43 12.86
CA LYS A 347 -4.95 1.73 12.41
C LYS A 347 -4.70 1.74 10.92
N GLU A 348 -4.11 0.67 10.39
CA GLU A 348 -3.70 0.67 8.93
C GLU A 348 -4.89 0.38 8.02
N GLY A 349 -5.64 -0.67 8.30
CA GLY A 349 -6.88 -0.94 7.52
C GLY A 349 -7.82 0.22 7.54
N LEU A 350 -8.01 0.76 8.73
CA LEU A 350 -8.94 1.86 8.90
C LEU A 350 -8.44 3.14 8.25
N THR A 351 -7.13 3.39 8.32
CA THR A 351 -6.59 4.57 7.69
C THR A 351 -6.61 4.44 6.17
N VAL A 352 -6.30 3.27 5.64
CA VAL A 352 -6.42 3.06 4.18
C VAL A 352 -7.85 3.25 3.73
N HIS A 353 -8.81 2.77 4.50
CA HIS A 353 -10.19 3.02 4.16
C HIS A 353 -10.50 4.54 4.08
N ARG A 354 -10.05 5.26 5.10
CA ARG A 354 -10.22 6.72 5.14
C ARG A 354 -9.54 7.37 3.94
N GLU A 355 -8.31 6.96 3.64
CA GLU A 355 -7.51 7.45 2.49
C GLU A 355 -8.26 7.17 1.18
N ASN A 356 -8.88 5.99 1.06
CA ASN A 356 -9.62 5.65 -0.16
C ASN A 356 -10.89 6.46 -0.34
N LEU A 357 -11.67 6.60 0.72
CA LEU A 357 -12.84 7.53 0.71
C LEU A 357 -12.41 8.97 0.25
N PHE A 358 -11.34 9.42 0.84
CA PHE A 358 -10.77 10.72 0.48
C PHE A 358 -10.40 10.78 -0.99
N SER A 359 -9.64 9.82 -1.47
CA SER A 359 -9.11 9.79 -2.85
CA SER A 359 -9.16 9.95 -2.85
C SER A 359 -10.33 9.78 -3.82
N GLU A 360 -11.29 8.91 -3.53
CA GLU A 360 -12.45 8.79 -4.40
C GLU A 360 -13.15 10.16 -4.50
N GLU A 361 -13.29 10.86 -3.36
CA GLU A 361 -13.93 12.20 -3.30
C GLU A 361 -13.17 13.25 -4.07
N MET A 362 -11.85 13.24 -3.97
CA MET A 362 -11.03 14.24 -4.57
C MET A 362 -10.86 14.05 -6.06
N THR A 363 -10.77 12.81 -6.55
CA THR A 363 -10.56 12.58 -7.95
C THR A 363 -11.85 12.55 -8.78
N LYS A 364 -12.93 12.11 -8.17
CA LYS A 364 -14.28 12.01 -8.82
C LYS A 364 -14.22 11.23 -10.08
N THR A 365 -13.37 10.22 -10.07
CA THR A 365 -13.21 9.36 -11.25
C THR A 365 -13.49 7.91 -10.89
N VAL A 366 -14.21 7.15 -11.72
CA VAL A 366 -14.52 5.76 -11.30
C VAL A 366 -13.30 4.86 -11.24
N THR A 367 -12.25 5.21 -11.98
CA THR A 367 -11.04 4.43 -12.00
C THR A 367 -10.32 4.42 -10.63
N THR A 368 -10.62 5.36 -9.71
CA THR A 368 -9.99 5.33 -8.40
C THR A 368 -10.34 4.06 -7.61
N ARG A 369 -11.63 3.83 -7.46
CA ARG A 369 -12.10 2.60 -6.80
C ARG A 369 -11.62 1.38 -7.58
N LEU A 370 -11.66 1.42 -8.91
CA LEU A 370 -11.18 0.25 -9.66
C LEU A 370 -9.72 -0.06 -9.41
N SER A 371 -8.89 0.99 -9.28
CA SER A 371 -7.50 0.76 -9.01
C SER A 371 -7.27 0.02 -7.64
N HIS A 372 -8.11 0.33 -6.65
CA HIS A 372 -8.01 -0.26 -5.32
C HIS A 372 -8.37 -1.74 -5.43
N VAL A 373 -9.41 -2.02 -6.20
CA VAL A 373 -9.85 -3.39 -6.41
C VAL A 373 -8.78 -4.18 -7.13
N ASP A 374 -8.17 -3.60 -8.18
CA ASP A 374 -7.12 -4.26 -8.90
C ASP A 374 -5.92 -4.62 -8.05
N LEU A 375 -5.54 -3.70 -7.19
CA LEU A 375 -4.48 -3.94 -6.21
C LEU A 375 -4.81 -5.10 -5.28
N LEU A 376 -5.99 -5.12 -4.73
CA LEU A 376 -6.36 -6.23 -3.85
C LEU A 376 -6.34 -7.54 -4.57
N ARG A 377 -7.02 -7.63 -5.72
CA ARG A 377 -7.26 -8.92 -6.32
C ARG A 377 -6.07 -9.50 -7.03
N SER A 378 -5.10 -8.66 -7.28
CA SER A 378 -3.81 -9.16 -7.74
C SER A 378 -2.90 -9.49 -6.57
N VAL A 379 -2.29 -8.48 -5.96
CA VAL A 379 -1.31 -8.78 -4.97
C VAL A 379 -1.83 -9.38 -3.66
N GLN A 380 -2.95 -8.90 -3.15
CA GLN A 380 -3.43 -9.41 -1.88
C GLN A 380 -4.02 -10.82 -1.99
N PHE A 381 -4.79 -11.07 -3.07
CA PHE A 381 -5.29 -12.41 -3.30
C PHE A 381 -4.10 -13.36 -3.47
N LEU A 382 -3.04 -12.99 -4.15
CA LEU A 382 -1.89 -13.92 -4.27
C LEU A 382 -1.35 -14.22 -2.87
N GLU A 383 -1.11 -13.20 -2.10
CA GLU A 383 -0.61 -13.36 -0.73
C GLU A 383 -1.50 -14.35 0.08
N ASP A 384 -2.79 -14.18 -0.05
CA ASP A 384 -3.75 -14.97 0.69
C ASP A 384 -3.89 -16.38 0.20
N SER A 385 -3.38 -16.75 -0.97
CA SER A 385 -3.37 -18.15 -1.38
C SER A 385 -1.93 -18.73 -1.23
N SER A 386 -0.97 -17.95 -0.69
CA SER A 386 0.43 -18.34 -0.58
C SER A 386 0.66 -18.93 0.79
N PRO A 387 1.88 -19.47 0.96
CA PRO A 387 2.22 -19.93 2.32
C PRO A 387 2.38 -18.79 3.33
N LEU A 388 2.39 -17.55 2.85
CA LEU A 388 2.41 -16.38 3.74
C LEU A 388 1.02 -15.94 4.27
N SER A 389 -0.04 -16.60 3.79
CA SER A 389 -1.41 -16.20 4.14
C SER A 389 -1.62 -16.02 5.61
N HIS A 390 -2.16 -14.88 6.00
CA HIS A 390 -2.49 -14.59 7.39
C HIS A 390 -3.86 -13.88 7.44
N PRO A 391 -4.57 -13.98 8.57
CA PRO A 391 -5.69 -13.09 8.79
C PRO A 391 -5.23 -11.65 9.00
N ILE A 392 -6.18 -10.69 8.88
CA ILE A 392 -5.82 -9.32 9.01
C ILE A 392 -5.36 -8.96 10.43
N ARG A 393 -5.72 -9.79 11.41
CA ARG A 393 -5.18 -9.76 12.77
C ARG A 393 -4.43 -11.07 13.04
N PRO A 394 -3.12 -11.07 12.80
CA PRO A 394 -2.30 -12.32 12.96
C PRO A 394 -2.33 -12.85 14.39
N GLU A 395 -2.09 -14.17 14.52
CA GLU A 395 -2.01 -14.82 15.82
C GLU A 395 -0.56 -14.86 16.34
N SER A 396 0.44 -14.58 15.53
CA SER A 396 1.84 -14.67 15.98
C SER A 396 2.78 -14.04 15.06
N TYR A 397 3.95 -13.65 15.56
CA TYR A 397 5.01 -13.17 14.72
C TYR A 397 6.41 -13.32 15.33
N VAL A 398 7.45 -13.32 14.48
CA VAL A 398 8.85 -13.08 14.90
C VAL A 398 9.33 -11.65 14.64
N SER A 399 9.23 -11.12 13.41
CA SER A 399 9.64 -9.77 13.10
C SER A 399 8.25 -9.16 12.78
N MET A 400 7.76 -8.25 13.64
CA MET A 400 6.52 -7.50 13.36
C MET A 400 6.58 -6.81 12.03
N GLU A 401 7.77 -6.40 11.60
CA GLU A 401 7.87 -5.59 10.42
C GLU A 401 7.43 -6.43 9.15
N ASN A 402 7.43 -7.77 9.27
CA ASN A 402 6.95 -8.61 8.15
C ASN A 402 5.46 -8.68 8.07
N PHE A 403 4.75 -8.06 9.03
CA PHE A 403 3.28 -8.04 8.91
C PHE A 403 2.68 -6.66 8.48
N TYR A 404 3.49 -5.83 7.93
CA TYR A 404 3.02 -4.67 7.24
C TYR A 404 2.78 -5.09 5.81
N THR A 405 1.65 -5.72 5.61
CA THR A 405 1.35 -6.44 4.40
C THR A 405 0.12 -5.89 3.69
N THR A 406 -0.01 -6.24 2.44
CA THR A 406 -1.22 -5.87 1.68
C THR A 406 -2.48 -6.55 2.33
N THR A 407 -2.29 -7.69 2.98
CA THR A 407 -3.39 -8.25 3.74
C THR A 407 -3.83 -7.28 4.83
N VAL A 408 -2.91 -6.92 5.71
CA VAL A 408 -3.28 -6.05 6.85
C VAL A 408 -3.78 -4.66 6.37
N TYR A 409 -3.20 -4.14 5.32
CA TYR A 409 -3.56 -2.84 4.84
C TYR A 409 -4.80 -2.85 3.93
N ASP A 410 -4.73 -3.63 2.85
CA ASP A 410 -5.74 -3.56 1.76
C ASP A 410 -6.89 -4.47 2.05
N LYS A 411 -6.65 -5.73 2.48
CA LYS A 411 -7.81 -6.52 2.94
C LYS A 411 -8.41 -5.86 4.18
N GLY A 412 -7.57 -5.37 5.10
CA GLY A 412 -8.07 -4.64 6.21
C GLY A 412 -8.96 -3.47 5.81
N SER A 413 -8.52 -2.74 4.80
CA SER A 413 -9.36 -1.60 4.38
CA SER A 413 -9.34 -1.60 4.36
C SER A 413 -10.70 -2.06 3.84
N GLU A 414 -10.74 -3.18 3.13
CA GLU A 414 -12.02 -3.70 2.61
C GLU A 414 -12.92 -4.17 3.71
N VAL A 415 -12.33 -4.79 4.75
CA VAL A 415 -13.08 -5.12 5.96
C VAL A 415 -13.62 -3.86 6.63
N MET A 416 -12.82 -2.79 6.71
CA MET A 416 -13.30 -1.53 7.29
C MET A 416 -14.38 -0.89 6.39
N ARG A 417 -14.25 -1.01 5.09
CA ARG A 417 -15.25 -0.49 4.17
C ARG A 417 -16.59 -1.25 4.21
N MET A 418 -16.57 -2.54 4.55
CA MET A 418 -17.79 -3.30 4.58
C MET A 418 -18.74 -2.81 5.66
N TYR A 419 -18.17 -2.27 6.75
CA TYR A 419 -19.03 -1.67 7.76
C TYR A 419 -19.86 -0.51 7.14
N LEU A 420 -19.25 0.32 6.32
CA LEU A 420 -19.91 1.43 5.71
C LEU A 420 -21.04 0.87 4.80
N THR A 421 -20.72 -0.14 4.04
CA THR A 421 -21.71 -0.77 3.12
C THR A 421 -22.89 -1.28 3.92
N ILE A 422 -22.62 -1.97 4.99
CA ILE A 422 -23.64 -2.59 5.83
C ILE A 422 -24.48 -1.49 6.49
N LEU A 423 -23.84 -0.50 7.08
CA LEU A 423 -24.58 0.52 7.87
C LEU A 423 -25.18 1.66 7.09
N GLY A 424 -24.64 2.00 5.94
CA GLY A 424 -24.88 3.29 5.24
C GLY A 424 -24.16 4.43 5.90
N GLU A 425 -24.08 5.54 5.21
CA GLU A 425 -23.26 6.66 5.65
C GLU A 425 -23.65 7.17 7.03
N GLU A 426 -24.95 7.43 7.23
CA GLU A 426 -25.35 8.04 8.48
C GLU A 426 -25.01 7.20 9.71
N TYR A 427 -25.40 5.92 9.70
CA TYR A 427 -25.12 5.03 10.84
C TYR A 427 -23.64 4.66 10.89
N TYR A 428 -22.97 4.61 9.75
CA TYR A 428 -21.46 4.45 9.76
C TYR A 428 -20.77 5.59 10.51
N LYS A 429 -21.13 6.81 10.19
CA LYS A 429 -20.58 7.99 10.90
C LYS A 429 -20.87 7.93 12.39
N LYS A 430 -22.07 7.49 12.77
CA LYS A 430 -22.39 7.34 14.20
C LYS A 430 -21.48 6.33 14.89
N GLY A 431 -21.32 5.15 14.27
CA GLY A 431 -20.43 4.16 14.86
C GLY A 431 -18.98 4.59 15.02
N PHE A 432 -18.49 5.23 13.96
CA PHE A 432 -17.09 5.72 13.94
C PHE A 432 -16.91 6.73 15.06
N ASP A 433 -17.91 7.63 15.23
CA ASP A 433 -17.76 8.62 16.32
C ASP A 433 -17.80 8.00 17.72
N ILE A 434 -18.62 6.96 17.91
CA ILE A 434 -18.55 6.19 19.18
C ILE A 434 -17.17 5.66 19.45
N TYR A 435 -16.55 5.06 18.41
CA TYR A 435 -15.23 4.53 18.57
C TYR A 435 -14.18 5.58 18.88
N ILE A 436 -14.19 6.67 18.12
CA ILE A 436 -13.05 7.64 18.19
C ILE A 436 -13.13 8.41 19.50
N LYS A 437 -14.34 8.62 20.01
CA LYS A 437 -14.47 9.36 21.24
C LYS A 437 -14.20 8.48 22.45
N LYS A 438 -14.74 7.26 22.44
CA LYS A 438 -14.65 6.40 23.59
C LYS A 438 -13.21 6.13 23.96
N ASN A 439 -12.34 5.98 22.92
CA ASN A 439 -10.97 5.49 23.05
C ASN A 439 -9.95 6.60 22.89
N ASP A 440 -10.41 7.85 22.84
CA ASP A 440 -9.51 9.02 22.68
C ASP A 440 -8.43 9.06 23.75
N GLY A 441 -7.20 9.29 23.34
CA GLY A 441 -6.07 9.42 24.25
C GLY A 441 -5.64 8.08 24.81
N ASN A 442 -6.16 6.99 24.24
CA ASN A 442 -5.88 5.65 24.74
C ASN A 442 -5.59 4.67 23.63
N THR A 443 -5.25 3.47 24.05
CA THR A 443 -5.09 2.34 23.16
C THR A 443 -6.41 1.71 22.84
N ALA A 444 -6.47 0.94 21.72
CA ALA A 444 -7.67 0.21 21.39
C ALA A 444 -7.32 -1.09 20.69
N THR A 445 -8.36 -1.93 20.58
CA THR A 445 -8.24 -3.23 19.89
C THR A 445 -9.28 -3.33 18.78
N CYS A 446 -9.10 -4.33 17.92
CA CYS A 446 -10.09 -4.55 16.87
C CYS A 446 -11.49 -4.74 17.46
N GLU A 447 -11.60 -5.45 18.61
CA GLU A 447 -12.90 -5.60 19.30
C GLU A 447 -13.57 -4.32 19.63
N ASP A 448 -12.80 -3.29 20.08
CA ASP A 448 -13.38 -2.01 20.39
C ASP A 448 -14.03 -1.44 19.16
N PHE A 449 -13.39 -1.58 18.01
CA PHE A 449 -14.03 -1.07 16.79
C PHE A 449 -15.32 -1.79 16.43
N ASN A 450 -15.25 -3.09 16.43
CA ASN A 450 -16.42 -3.94 16.15
C ASN A 450 -17.61 -3.63 17.09
N TYR A 451 -17.29 -3.34 18.35
CA TYR A 451 -18.28 -2.95 19.37
C TYR A 451 -18.92 -1.68 19.08
N ALA A 452 -18.15 -0.68 18.64
CA ALA A 452 -18.76 0.57 18.23
C ALA A 452 -19.65 0.40 17.03
N MET A 453 -19.17 -0.37 16.03
CA MET A 453 -19.96 -0.60 14.80
C MET A 453 -21.24 -1.39 15.17
N GLU A 454 -21.13 -2.29 16.13
CA GLU A 454 -22.31 -3.07 16.58
C GLU A 454 -23.33 -2.17 17.28
N GLN A 455 -22.88 -1.17 18.05
CA GLN A 455 -23.88 -0.19 18.56
C GLN A 455 -24.64 0.53 17.48
N ALA A 456 -23.96 0.98 16.42
CA ALA A 456 -24.63 1.58 15.30
C ALA A 456 -25.61 0.60 14.56
N TYR A 457 -25.19 -0.65 14.46
CA TYR A 457 -25.96 -1.67 13.77
C TYR A 457 -27.30 -1.91 14.52
N LYS A 458 -27.19 -1.97 15.83
CA LYS A 458 -28.41 -2.10 16.70
C LYS A 458 -29.34 -0.95 16.43
N MET A 459 -28.83 0.27 16.41
CA MET A 459 -29.62 1.45 16.11
C MET A 459 -30.22 1.38 14.69
N LYS A 460 -29.43 0.95 13.70
CA LYS A 460 -29.93 0.89 12.32
C LYS A 460 -31.06 -0.14 12.15
N LYS A 461 -30.93 -1.28 12.83
CA LYS A 461 -31.92 -2.37 12.75
C LYS A 461 -33.14 -2.06 13.66
N ALA A 462 -33.03 -1.01 14.49
CA ALA A 462 -33.88 -0.70 15.66
C ALA A 462 -34.18 -1.94 16.51
N ASP A 463 -33.12 -2.67 16.84
CA ASP A 463 -33.21 -4.00 17.48
C ASP A 463 -31.97 -4.18 18.37
N ASN A 464 -32.14 -4.04 19.68
CA ASN A 464 -31.00 -4.15 20.60
C ASN A 464 -30.50 -5.59 20.81
N SER A 465 -31.09 -6.58 20.15
CA SER A 465 -30.55 -7.94 20.12
C SER A 465 -29.69 -8.29 18.84
N ALA A 466 -29.71 -7.42 17.81
CA ALA A 466 -28.81 -7.54 16.63
C ALA A 466 -27.38 -7.49 17.12
N ASN A 467 -26.49 -8.30 16.51
CA ASN A 467 -25.08 -8.30 16.91
C ASN A 467 -24.17 -8.56 15.70
N LEU A 468 -22.92 -8.16 15.86
CA LEU A 468 -21.91 -8.36 14.85
C LEU A 468 -20.85 -9.32 15.29
N ASN A 469 -21.24 -10.32 16.12
CA ASN A 469 -20.24 -11.24 16.57
CA ASN A 469 -20.27 -11.30 16.57
C ASN A 469 -19.61 -12.07 15.41
N GLN A 470 -20.46 -12.42 14.41
CA GLN A 470 -19.97 -13.12 13.24
C GLN A 470 -18.95 -12.30 12.47
N TYR A 471 -19.13 -10.99 12.52
CA TYR A 471 -18.18 -10.08 11.81
C TYR A 471 -16.75 -10.25 12.21
N LEU A 472 -16.50 -10.60 13.48
CA LEU A 472 -15.13 -10.81 13.94
C LEU A 472 -14.34 -11.83 13.19
N LEU A 473 -14.99 -12.75 12.50
CA LEU A 473 -14.32 -13.75 11.69
C LEU A 473 -13.56 -13.05 10.53
N TRP A 474 -13.98 -11.84 10.11
CA TRP A 474 -13.16 -11.15 9.14
C TRP A 474 -11.77 -10.74 9.68
N PHE A 475 -11.63 -10.65 11.05
CA PHE A 475 -10.31 -10.35 11.60
C PHE A 475 -9.47 -11.60 11.86
N SER A 476 -10.12 -12.72 12.17
CA SER A 476 -9.44 -13.93 12.56
C SER A 476 -9.24 -14.99 11.50
N GLN A 477 -10.09 -15.01 10.44
CA GLN A 477 -10.04 -16.07 9.42
C GLN A 477 -9.23 -15.63 8.22
N SER A 478 -8.24 -16.40 7.87
CA SER A 478 -7.41 -16.12 6.68
C SER A 478 -8.09 -16.71 5.45
N GLY A 479 -7.59 -16.26 4.31
CA GLY A 479 -8.00 -16.72 3.01
C GLY A 479 -9.08 -15.89 2.40
N THR A 480 -9.22 -16.07 1.08
CA THR A 480 -10.27 -15.30 0.34
C THR A 480 -11.51 -16.15 0.13
N PRO A 481 -12.68 -15.72 0.60
CA PRO A 481 -13.93 -16.45 0.27
C PRO A 481 -14.22 -16.48 -1.19
N HIS A 482 -14.85 -17.56 -1.64
CA HIS A 482 -15.36 -17.70 -3.00
C HIS A 482 -16.86 -17.66 -2.90
N VAL A 483 -17.49 -16.77 -3.68
CA VAL A 483 -18.93 -16.64 -3.67
C VAL A 483 -19.43 -16.96 -5.04
N SER A 484 -20.37 -17.86 -5.14
CA SER A 484 -20.92 -18.35 -6.41
C SER A 484 -22.44 -18.23 -6.40
N PHE A 485 -23.00 -18.20 -7.59
CA PHE A 485 -24.43 -17.88 -7.78
C PHE A 485 -25.13 -18.84 -8.75
N LYS A 486 -26.42 -19.05 -8.47
CA LYS A 486 -27.34 -19.67 -9.43
C LYS A 486 -28.62 -18.83 -9.48
N TYR A 487 -29.21 -18.77 -10.65
CA TYR A 487 -30.40 -17.89 -10.84
C TYR A 487 -31.58 -18.64 -11.37
N ASN A 488 -32.76 -18.19 -10.98
CA ASN A 488 -34.03 -18.73 -11.57
CA ASN A 488 -34.00 -18.76 -11.49
C ASN A 488 -35.07 -17.65 -11.67
N TYR A 489 -35.77 -17.65 -12.80
CA TYR A 489 -36.83 -16.71 -13.10
C TYR A 489 -38.14 -17.51 -13.44
N ASP A 490 -39.20 -17.09 -12.79
CA ASP A 490 -40.54 -17.63 -12.98
C ASP A 490 -41.34 -16.50 -13.63
N ALA A 491 -41.51 -16.65 -14.94
CA ALA A 491 -42.17 -15.63 -15.81
C ALA A 491 -43.63 -15.43 -15.46
N GLU A 492 -44.30 -16.50 -15.05
CA GLU A 492 -45.72 -16.42 -14.72
C GLU A 492 -45.89 -15.64 -13.42
N LYS A 493 -45.02 -15.89 -12.46
CA LYS A 493 -45.06 -15.16 -11.24
C LYS A 493 -44.32 -13.82 -11.15
N LYS A 494 -43.55 -13.49 -12.18
CA LYS A 494 -42.68 -12.32 -12.16
C LYS A 494 -41.77 -12.32 -10.92
N GLN A 495 -41.13 -13.47 -10.69
CA GLN A 495 -40.40 -13.71 -9.46
C GLN A 495 -38.99 -14.32 -9.79
N TYR A 496 -37.99 -13.67 -9.24
CA TYR A 496 -36.62 -13.95 -9.53
C TYR A 496 -35.88 -14.37 -8.27
N SER A 497 -35.02 -15.38 -8.37
CA SER A 497 -34.22 -15.78 -7.22
C SER A 497 -32.75 -15.80 -7.57
N ILE A 498 -31.98 -15.41 -6.56
CA ILE A 498 -30.52 -15.49 -6.55
C ILE A 498 -30.14 -16.42 -5.41
N HIS A 499 -29.55 -17.56 -5.75
CA HIS A 499 -29.04 -18.51 -4.81
C HIS A 499 -27.54 -18.36 -4.66
N VAL A 500 -27.06 -18.16 -3.46
CA VAL A 500 -25.68 -17.75 -3.21
C VAL A 500 -25.00 -18.74 -2.29
N ASN A 501 -23.77 -19.09 -2.63
CA ASN A 501 -22.96 -19.99 -1.80
C ASN A 501 -21.61 -19.35 -1.49
N GLN A 502 -21.13 -19.52 -0.26
CA GLN A 502 -19.76 -19.08 0.03
C GLN A 502 -18.93 -20.28 0.55
N TYR A 503 -17.67 -20.24 0.18
CA TYR A 503 -16.64 -21.25 0.57
C TYR A 503 -15.32 -20.54 0.78
N THR A 504 -14.58 -20.88 1.83
CA THR A 504 -13.20 -20.45 1.98
C THR A 504 -12.39 -21.72 2.10
N LYS A 505 -11.32 -21.79 1.29
CA LYS A 505 -10.43 -22.99 1.35
C LYS A 505 -9.70 -23.12 2.65
N PRO A 506 -9.75 -24.30 3.26
CA PRO A 506 -8.90 -24.56 4.43
C PRO A 506 -7.41 -24.30 4.19
N ASP A 507 -6.73 -23.90 5.28
CA ASP A 507 -5.34 -23.58 5.17
C ASP A 507 -4.60 -23.85 6.45
N GLU A 508 -3.36 -23.40 6.54
CA GLU A 508 -2.51 -23.68 7.73
C GLU A 508 -3.04 -22.98 9.02
N ASN A 509 -3.81 -21.90 8.87
CA ASN A 509 -4.37 -21.14 9.98
C ASN A 509 -5.70 -21.66 10.56
N GLN A 510 -6.59 -22.16 9.69
CA GLN A 510 -7.77 -22.83 10.07
C GLN A 510 -7.99 -24.05 9.18
N LYS A 511 -8.07 -25.21 9.82
CA LYS A 511 -8.47 -26.44 9.11
C LYS A 511 -9.94 -26.47 8.73
N GLU A 512 -10.78 -25.74 9.49
CA GLU A 512 -12.22 -25.62 9.21
C GLU A 512 -12.59 -24.14 9.12
N LYS A 513 -13.15 -23.75 8.01
CA LYS A 513 -13.49 -22.37 7.79
C LYS A 513 -14.94 -22.13 8.00
N LYS A 514 -15.29 -21.04 8.67
CA LYS A 514 -16.70 -20.73 8.96
C LYS A 514 -17.22 -19.67 7.97
N PRO A 515 -18.55 -19.62 7.78
CA PRO A 515 -19.12 -18.61 6.91
C PRO A 515 -18.95 -17.25 7.54
N LEU A 516 -18.72 -16.31 6.65
CA LEU A 516 -18.60 -14.92 7.01
C LEU A 516 -19.87 -14.13 6.79
N PHE A 517 -19.93 -12.93 7.39
CA PHE A 517 -20.99 -11.95 7.07
C PHE A 517 -20.59 -11.17 5.82
N ILE A 518 -21.19 -11.52 4.67
CA ILE A 518 -20.80 -10.96 3.36
C ILE A 518 -21.92 -10.09 2.84
N PRO A 519 -21.65 -8.80 2.74
CA PRO A 519 -22.59 -7.89 2.12
C PRO A 519 -22.48 -7.88 0.62
N ILE A 520 -23.62 -8.17 -0.07
CA ILE A 520 -23.64 -8.25 -1.53
C ILE A 520 -24.50 -7.17 -2.11
N SER A 521 -23.90 -6.08 -2.60
CA SER A 521 -24.66 -4.95 -3.17
CA SER A 521 -24.71 -4.99 -3.14
C SER A 521 -25.13 -5.41 -4.54
N VAL A 522 -26.42 -5.29 -4.84
CA VAL A 522 -26.91 -5.84 -6.07
CA VAL A 522 -27.06 -5.92 -5.99
C VAL A 522 -27.91 -4.91 -6.76
N GLY A 523 -27.89 -5.03 -8.06
CA GLY A 523 -28.88 -4.47 -8.97
C GLY A 523 -29.37 -5.49 -9.92
N LEU A 524 -30.42 -5.14 -10.67
CA LEU A 524 -30.96 -6.09 -11.67
C LEU A 524 -31.22 -5.25 -12.94
N ILE A 525 -30.67 -5.73 -14.05
CA ILE A 525 -30.68 -5.00 -15.27
C ILE A 525 -31.65 -5.74 -16.26
N ASN A 526 -32.51 -4.94 -16.89
CA ASN A 526 -33.35 -5.46 -17.92
C ASN A 526 -32.56 -5.59 -19.25
N PRO A 527 -32.36 -6.80 -19.75
CA PRO A 527 -31.49 -6.97 -20.90
C PRO A 527 -32.04 -6.48 -22.18
N GLU A 528 -33.37 -6.30 -22.18
CA GLU A 528 -34.06 -5.86 -23.40
C GLU A 528 -33.89 -4.37 -23.64
N ASN A 529 -33.86 -3.52 -22.60
CA ASN A 529 -33.64 -2.10 -22.67
C ASN A 529 -32.48 -1.54 -21.90
N GLY A 530 -31.70 -2.38 -21.20
CA GLY A 530 -30.61 -1.86 -20.39
C GLY A 530 -30.90 -1.14 -19.12
N LYS A 531 -32.13 -1.07 -18.64
CA LYS A 531 -32.47 -0.25 -17.49
C LYS A 531 -32.49 -1.02 -16.14
N GLU A 532 -32.30 -0.32 -15.04
CA GLU A 532 -32.44 -0.82 -13.67
C GLU A 532 -33.83 -1.28 -13.34
N MET A 533 -33.93 -2.38 -12.64
CA MET A 533 -35.20 -3.01 -12.35
C MET A 533 -35.54 -2.95 -10.89
N ILE A 534 -34.60 -2.71 -9.97
CA ILE A 534 -34.86 -2.60 -8.52
C ILE A 534 -34.06 -1.41 -7.99
N SER A 535 -34.50 -0.91 -6.86
CA SER A 535 -33.70 0.04 -6.06
C SER A 535 -32.46 -0.73 -5.65
N GLN A 536 -31.27 -0.18 -5.76
CA GLN A 536 -30.18 -0.99 -5.27
C GLN A 536 -30.40 -1.39 -3.76
N THR A 537 -29.89 -2.56 -3.44
CA THR A 537 -30.13 -3.21 -2.19
CA THR A 537 -30.17 -3.28 -2.25
C THR A 537 -28.87 -3.96 -1.82
N THR A 538 -28.73 -4.26 -0.54
CA THR A 538 -27.55 -4.95 -0.07
C THR A 538 -28.02 -6.21 0.61
N LEU A 539 -27.76 -7.33 -0.01
CA LEU A 539 -28.05 -8.67 0.54
C LEU A 539 -27.07 -9.02 1.61
N GLU A 540 -27.56 -9.56 2.71
CA GLU A 540 -26.69 -9.86 3.84
C GLU A 540 -26.61 -11.38 3.92
N LEU A 541 -25.55 -11.92 3.38
CA LEU A 541 -25.32 -13.37 3.41
C LEU A 541 -24.59 -13.68 4.70
N THR A 542 -25.16 -14.55 5.54
CA THR A 542 -24.52 -14.89 6.79
C THR A 542 -24.32 -16.38 6.91
N LYS A 543 -24.99 -17.20 6.11
CA LYS A 543 -24.81 -18.61 6.11
C LYS A 543 -23.92 -19.07 5.00
N GLU A 544 -23.63 -20.37 4.99
CA GLU A 544 -22.86 -20.96 3.86
C GLU A 544 -23.59 -20.84 2.55
N SER A 545 -24.91 -20.83 2.59
CA SER A 545 -25.73 -20.60 1.38
C SER A 545 -27.10 -20.00 1.75
N ASP A 546 -27.67 -19.28 0.80
CA ASP A 546 -28.94 -18.66 1.03
C ASP A 546 -29.55 -18.36 -0.33
N THR A 547 -30.87 -18.20 -0.39
CA THR A 547 -31.60 -17.85 -1.61
C THR A 547 -32.37 -16.57 -1.30
N PHE A 548 -32.09 -15.56 -2.12
CA PHE A 548 -32.74 -14.23 -2.06
C PHE A 548 -33.70 -14.12 -3.20
N VAL A 549 -34.98 -13.83 -2.88
CA VAL A 549 -36.09 -13.83 -3.86
C VAL A 549 -36.64 -12.40 -3.98
N PHE A 550 -36.93 -12.04 -5.20
CA PHE A 550 -37.45 -10.76 -5.61
C PHE A 550 -38.76 -10.91 -6.35
N ASN A 551 -39.80 -10.19 -5.88
CA ASN A 551 -41.07 -10.12 -6.61
C ASN A 551 -41.16 -8.91 -7.54
N ASN A 552 -42.18 -8.91 -8.38
CA ASN A 552 -42.49 -7.76 -9.31
C ASN A 552 -41.29 -7.46 -10.27
N ILE A 553 -40.69 -8.57 -10.72
CA ILE A 553 -39.59 -8.56 -11.71
C ILE A 553 -40.19 -8.93 -13.02
N ALA A 554 -40.33 -7.93 -13.89
CA ALA A 554 -41.22 -8.02 -15.05
C ALA A 554 -40.74 -8.89 -16.19
N VAL A 555 -39.43 -9.00 -16.38
CA VAL A 555 -38.79 -9.87 -17.29
C VAL A 555 -37.55 -10.49 -16.66
N LYS A 556 -37.00 -11.49 -17.29
CA LYS A 556 -35.82 -12.18 -16.74
C LYS A 556 -34.65 -11.17 -16.78
N PRO A 557 -34.07 -10.86 -15.63
CA PRO A 557 -32.98 -9.85 -15.57
C PRO A 557 -31.62 -10.44 -15.78
N ILE A 558 -30.64 -9.54 -15.86
CA ILE A 558 -29.24 -9.96 -15.70
C ILE A 558 -28.81 -9.31 -14.40
N PRO A 559 -28.28 -10.12 -13.47
CA PRO A 559 -27.97 -9.54 -12.13
C PRO A 559 -26.66 -8.78 -12.15
N SER A 560 -26.59 -7.67 -11.43
CA SER A 560 -25.40 -6.85 -11.28
C SER A 560 -24.92 -7.01 -9.85
N LEU A 561 -23.92 -7.88 -9.69
CA LEU A 561 -23.48 -8.42 -8.38
C LEU A 561 -22.23 -7.90 -7.80
N PHE A 562 -22.28 -7.67 -6.51
CA PHE A 562 -21.12 -7.09 -5.78
C PHE A 562 -20.77 -5.72 -6.29
N ARG A 563 -21.76 -4.88 -6.45
CA ARG A 563 -21.53 -3.50 -6.92
C ARG A 563 -20.56 -2.75 -6.03
N GLY A 564 -19.63 -2.04 -6.67
CA GLY A 564 -18.59 -1.35 -5.97
C GLY A 564 -17.57 -2.30 -5.37
N PHE A 565 -17.60 -3.58 -5.74
CA PHE A 565 -16.82 -4.68 -5.09
C PHE A 565 -17.07 -4.67 -3.58
N SER A 566 -18.27 -5.12 -3.20
CA SER A 566 -18.80 -4.93 -1.92
C SER A 566 -18.26 -5.86 -0.87
N ALA A 567 -17.48 -6.90 -1.23
CA ALA A 567 -16.78 -7.70 -0.24
C ALA A 567 -15.55 -8.22 -0.88
N PRO A 568 -14.52 -8.59 -0.09
CA PRO A 568 -13.19 -8.94 -0.67
C PRO A 568 -13.18 -10.44 -0.92
N VAL A 569 -13.76 -10.83 -2.06
CA VAL A 569 -14.02 -12.20 -2.36
C VAL A 569 -13.72 -12.53 -3.85
N TYR A 570 -13.58 -13.82 -4.14
CA TYR A 570 -13.61 -14.32 -5.52
C TYR A 570 -15.07 -14.44 -5.95
N ILE A 571 -15.45 -13.81 -7.04
CA ILE A 571 -16.85 -13.84 -7.52
C ILE A 571 -16.93 -14.79 -8.70
N GLU A 572 -17.89 -15.72 -8.62
CA GLU A 572 -18.21 -16.64 -9.70
CA GLU A 572 -18.18 -16.67 -9.68
C GLU A 572 -19.62 -16.30 -10.10
N ASP A 573 -19.70 -15.47 -11.14
CA ASP A 573 -21.03 -14.90 -11.53
C ASP A 573 -21.94 -15.90 -12.23
N ASN A 574 -21.38 -16.97 -12.74
CA ASN A 574 -22.07 -17.97 -13.56
CA ASN A 574 -22.17 -17.94 -13.49
C ASN A 574 -22.96 -17.31 -14.66
N LEU A 575 -22.46 -16.22 -15.25
CA LEU A 575 -23.11 -15.57 -16.38
C LEU A 575 -22.49 -16.01 -17.67
N THR A 576 -23.26 -16.01 -18.73
CA THR A 576 -22.71 -16.22 -20.08
C THR A 576 -21.93 -15.01 -20.53
N ASP A 577 -21.08 -15.22 -21.52
CA ASP A 577 -20.39 -14.06 -22.08
C ASP A 577 -21.39 -13.04 -22.68
N GLU A 578 -22.49 -13.55 -23.28
CA GLU A 578 -23.52 -12.62 -23.80
C GLU A 578 -24.09 -11.73 -22.68
N GLU A 579 -24.40 -12.31 -21.52
CA GLU A 579 -24.89 -11.54 -20.37
C GLU A 579 -23.82 -10.56 -19.85
N ARG A 580 -22.58 -11.02 -19.80
CA ARG A 580 -21.46 -10.13 -19.37
C ARG A 580 -21.29 -8.91 -20.29
N ILE A 581 -21.43 -9.13 -21.60
CA ILE A 581 -21.35 -8.05 -22.56
C ILE A 581 -22.48 -7.03 -22.31
N LEU A 582 -23.69 -7.49 -22.03
CA LEU A 582 -24.81 -6.59 -21.77
C LEU A 582 -24.56 -5.75 -20.52
N LEU A 583 -23.92 -6.32 -19.47
CA LEU A 583 -23.62 -5.55 -18.32
C LEU A 583 -22.52 -4.55 -18.64
N LEU A 584 -21.49 -5.01 -19.35
CA LEU A 584 -20.42 -4.10 -19.75
C LEU A 584 -21.00 -2.88 -20.45
N LYS A 585 -21.93 -3.12 -21.38
CA LYS A 585 -22.53 -1.98 -22.14
C LYS A 585 -23.50 -1.11 -21.32
N TYR A 586 -24.34 -1.71 -20.52
CA TYR A 586 -25.51 -1.06 -19.99
C TYR A 586 -25.58 -0.93 -18.48
N ASP A 587 -24.79 -1.69 -17.67
CA ASP A 587 -25.00 -1.54 -16.25
C ASP A 587 -24.51 -0.16 -15.79
N SER A 588 -24.97 0.24 -14.63
CA SER A 588 -24.63 1.50 -14.04
C SER A 588 -23.36 1.43 -13.23
N ASP A 589 -23.01 0.29 -12.68
CA ASP A 589 -21.90 0.19 -11.73
C ASP A 589 -20.58 -0.04 -12.41
N ALA A 590 -19.60 0.82 -12.19
CA ALA A 590 -18.33 0.65 -12.85
C ALA A 590 -17.61 -0.61 -12.54
N PHE A 591 -17.63 -1.04 -11.27
CA PHE A 591 -16.96 -2.31 -10.92
C PHE A 591 -17.62 -3.48 -11.63
N VAL A 592 -18.95 -3.55 -11.64
CA VAL A 592 -19.57 -4.70 -12.30
C VAL A 592 -19.26 -4.68 -13.77
N ARG A 593 -19.30 -3.54 -14.40
CA ARG A 593 -19.00 -3.52 -15.82
C ARG A 593 -17.56 -3.98 -16.09
N TYR A 594 -16.65 -3.45 -15.32
CA TYR A 594 -15.27 -3.88 -15.37
C TYR A 594 -15.07 -5.36 -15.04
N ASN A 595 -15.75 -5.87 -14.01
CA ASN A 595 -15.55 -7.24 -13.63
C ASN A 595 -16.15 -8.17 -14.66
N SER A 596 -17.26 -7.74 -15.29
CA SER A 596 -17.90 -8.55 -16.38
C SER A 596 -16.89 -8.69 -17.50
N CYS A 597 -16.22 -7.58 -17.85
CA CYS A 597 -15.14 -7.65 -18.86
CA CYS A 597 -15.10 -7.65 -18.85
C CYS A 597 -13.96 -8.55 -18.41
N THR A 598 -13.53 -8.36 -17.16
CA THR A 598 -12.50 -9.19 -16.59
C THR A 598 -12.82 -10.68 -16.70
N ASN A 599 -14.04 -11.01 -16.40
CA ASN A 599 -14.49 -12.38 -16.51
C ASN A 599 -14.49 -12.95 -17.90
N ILE A 600 -14.87 -12.15 -18.91
CA ILE A 600 -14.80 -12.58 -20.31
C ILE A 600 -13.31 -12.83 -20.63
N TYR A 601 -12.43 -11.93 -20.24
CA TYR A 601 -11.01 -12.15 -20.49
C TYR A 601 -10.53 -13.40 -19.78
N MET A 602 -10.90 -13.61 -18.52
CA MET A 602 -10.38 -14.78 -17.81
C MET A 602 -10.82 -16.07 -18.47
N LYS A 603 -12.08 -16.17 -18.90
CA LYS A 603 -12.56 -17.39 -19.56
C LYS A 603 -11.71 -17.67 -20.79
N GLN A 604 -11.46 -16.59 -21.54
CA GLN A 604 -10.62 -16.74 -22.77
C GLN A 604 -9.20 -17.12 -22.44
N ILE A 605 -8.60 -16.47 -21.42
CA ILE A 605 -7.19 -16.73 -21.07
C ILE A 605 -7.05 -18.24 -20.62
N LEU A 606 -7.95 -18.69 -19.76
CA LEU A 606 -7.85 -20.05 -19.26
C LEU A 606 -8.03 -21.05 -20.41
N MET A 607 -8.97 -20.78 -21.31
CA MET A 607 -9.17 -21.69 -22.46
C MET A 607 -7.96 -21.74 -23.40
N ASN A 608 -7.43 -20.57 -23.80
CA ASN A 608 -6.24 -20.52 -24.69
C ASN A 608 -5.03 -21.08 -23.99
N TYR A 609 -4.86 -20.78 -22.67
CA TYR A 609 -3.75 -21.30 -21.90
C TYR A 609 -3.76 -22.83 -21.96
N ASN A 610 -4.95 -23.42 -21.73
CA ASN A 610 -5.06 -24.89 -21.74
C ASN A 610 -4.76 -25.43 -23.14
N GLU A 611 -5.22 -24.73 -24.19
CA GLU A 611 -4.93 -25.13 -25.62
C GLU A 611 -3.44 -25.13 -25.90
N PHE A 612 -2.74 -24.06 -25.56
CA PHE A 612 -1.30 -23.93 -25.76
C PHE A 612 -0.54 -24.97 -24.88
N LEU A 613 -1.02 -25.18 -23.65
CA LEU A 613 -0.35 -26.11 -22.75
C LEU A 613 -0.43 -27.51 -23.29
N LYS A 614 -1.59 -27.91 -23.71
CA LYS A 614 -1.69 -29.28 -24.28
C LYS A 614 -0.82 -29.45 -25.49
N ALA A 615 -0.80 -28.44 -26.34
CA ALA A 615 0.05 -28.49 -27.56
C ALA A 615 1.50 -28.63 -27.26
N LYS A 616 1.96 -27.99 -26.18
CA LYS A 616 3.36 -27.94 -25.81
C LYS A 616 3.66 -29.32 -25.21
N ASN A 617 2.79 -29.80 -24.34
CA ASN A 617 3.10 -31.02 -23.53
C ASN A 617 2.94 -32.28 -24.35
N GLU A 618 1.98 -32.27 -25.26
CA GLU A 618 1.82 -33.40 -26.18
C GLU A 618 2.70 -33.32 -27.46
N LYS A 619 3.50 -32.25 -27.59
CA LYS A 619 4.33 -31.92 -28.76
C LYS A 619 3.58 -32.04 -30.08
N LEU A 620 2.41 -31.40 -30.13
CA LEU A 620 1.55 -31.47 -31.31
C LEU A 620 2.18 -30.72 -32.48
N GLU A 621 1.88 -31.24 -33.66
CA GLU A 621 2.29 -30.57 -34.91
C GLU A 621 1.30 -29.48 -35.34
N SER A 622 0.06 -29.59 -34.90
CA SER A 622 -1.00 -28.63 -35.25
C SER A 622 -2.10 -28.71 -34.18
N PHE A 623 -2.86 -27.64 -34.01
CA PHE A 623 -3.89 -27.59 -32.99
C PHE A 623 -4.70 -26.35 -33.21
N ASN A 624 -5.79 -26.21 -32.45
CA ASN A 624 -6.61 -25.09 -32.59
C ASN A 624 -6.56 -24.16 -31.35
N LEU A 625 -6.89 -22.89 -31.57
CA LEU A 625 -7.08 -21.95 -30.54
C LEU A 625 -8.54 -21.43 -30.62
N THR A 626 -9.18 -21.27 -29.48
CA THR A 626 -10.49 -20.68 -29.39
C THR A 626 -10.35 -19.15 -29.66
N PRO A 627 -11.07 -18.61 -30.67
CA PRO A 627 -10.92 -17.18 -30.87
C PRO A 627 -11.59 -16.35 -29.80
N VAL A 628 -11.14 -15.11 -29.70
CA VAL A 628 -11.76 -14.17 -28.79
C VAL A 628 -13.20 -13.91 -29.29
N ASN A 629 -14.19 -13.81 -28.42
CA ASN A 629 -15.61 -13.61 -28.74
C ASN A 629 -15.76 -12.32 -29.56
N ALA A 630 -16.37 -12.43 -30.76
CA ALA A 630 -16.46 -11.37 -31.67
C ALA A 630 -17.43 -10.30 -31.19
N GLN A 631 -18.44 -10.70 -30.46
CA GLN A 631 -19.43 -9.76 -29.91
C GLN A 631 -18.78 -8.94 -28.73
N PHE A 632 -17.84 -9.53 -28.02
CA PHE A 632 -17.11 -8.81 -26.99
C PHE A 632 -16.23 -7.76 -27.68
N ILE A 633 -15.56 -8.12 -28.75
CA ILE A 633 -14.74 -7.19 -29.45
C ILE A 633 -15.61 -5.97 -29.97
N ASP A 634 -16.77 -6.33 -30.50
CA ASP A 634 -17.72 -5.30 -30.99
C ASP A 634 -18.10 -4.38 -29.80
N ALA A 635 -18.30 -4.96 -28.63
CA ALA A 635 -18.61 -4.18 -27.43
C ALA A 635 -17.50 -3.22 -27.01
N ILE A 636 -16.25 -3.69 -27.07
CA ILE A 636 -15.11 -2.83 -26.82
C ILE A 636 -15.14 -1.68 -27.82
N LYS A 637 -15.37 -1.95 -29.08
CA LYS A 637 -15.32 -0.91 -30.11
C LYS A 637 -16.41 0.12 -29.82
N TYR A 638 -17.62 -0.35 -29.47
CA TYR A 638 -18.78 0.53 -29.16
C TYR A 638 -18.46 1.47 -28.01
N LEU A 639 -17.85 0.92 -26.93
CA LEU A 639 -17.54 1.79 -25.80
CA LEU A 639 -17.44 1.71 -25.77
C LEU A 639 -16.38 2.75 -26.19
N LEU A 640 -15.34 2.30 -26.90
CA LEU A 640 -14.24 3.21 -27.23
C LEU A 640 -14.75 4.36 -28.13
N GLU A 641 -15.71 4.05 -29.00
CA GLU A 641 -16.23 5.11 -29.94
C GLU A 641 -17.29 6.01 -29.31
N ASP A 642 -17.68 5.77 -28.07
CA ASP A 642 -18.72 6.55 -27.42
C ASP A 642 -17.98 7.75 -26.88
N PRO A 643 -18.25 8.92 -27.45
CA PRO A 643 -17.48 10.07 -26.96
C PRO A 643 -17.88 10.52 -25.56
N HIS A 644 -19.01 10.06 -25.07
CA HIS A 644 -19.46 10.40 -23.77
C HIS A 644 -19.06 9.37 -22.72
N ALA A 645 -18.38 8.27 -23.09
CA ALA A 645 -17.85 7.28 -22.11
C ALA A 645 -16.52 7.72 -21.50
N ASP A 646 -16.20 7.18 -20.36
CA ASP A 646 -15.10 7.66 -19.53
C ASP A 646 -13.75 7.13 -20.05
N ALA A 647 -12.78 8.05 -20.25
CA ALA A 647 -11.47 7.64 -20.77
C ALA A 647 -10.71 6.70 -19.87
N GLY A 648 -10.76 6.93 -18.55
CA GLY A 648 -10.14 6.02 -17.65
C GLY A 648 -10.74 4.62 -17.69
N PHE A 649 -12.06 4.55 -17.72
CA PHE A 649 -12.74 3.27 -17.86
C PHE A 649 -12.30 2.55 -19.13
N LYS A 650 -12.17 3.29 -20.25
CA LYS A 650 -11.80 2.67 -21.54
C LYS A 650 -10.41 2.03 -21.41
N SER A 651 -9.52 2.68 -20.64
CA SER A 651 -8.15 2.13 -20.50
C SER A 651 -8.11 0.81 -19.73
N TYR A 652 -9.07 0.61 -18.82
CA TYR A 652 -9.23 -0.66 -18.13
C TYR A 652 -9.78 -1.76 -19.07
N ILE A 653 -10.65 -1.44 -20.02
CA ILE A 653 -11.29 -2.47 -20.83
CA ILE A 653 -11.25 -2.52 -20.81
C ILE A 653 -10.38 -3.06 -21.94
N VAL A 654 -9.42 -2.27 -22.47
CA VAL A 654 -8.47 -2.70 -23.51
C VAL A 654 -7.25 -3.39 -22.93
N SER A 655 -7.16 -3.45 -21.59
CA SER A 655 -6.05 -4.09 -20.91
C SER A 655 -6.50 -5.45 -20.37
N LEU A 656 -5.70 -6.49 -20.56
CA LEU A 656 -6.01 -7.80 -20.03
C LEU A 656 -5.74 -7.71 -18.49
N PRO A 657 -6.32 -8.62 -17.78
CA PRO A 657 -6.01 -8.70 -16.39
C PRO A 657 -4.54 -8.91 -16.13
N GLN A 658 -4.11 -8.36 -14.97
CA GLN A 658 -2.66 -8.45 -14.62
C GLN A 658 -2.27 -9.90 -14.34
N ASP A 659 -1.04 -10.21 -14.60
CA ASP A 659 -0.56 -11.53 -14.41
C ASP A 659 -0.75 -12.04 -13.00
N ARG A 660 -0.51 -11.19 -12.00
CA ARG A 660 -0.72 -11.61 -10.62
C ARG A 660 -2.23 -11.88 -10.28
N TYR A 661 -3.16 -11.34 -11.06
CA TYR A 661 -4.56 -11.79 -10.94
C TYR A 661 -4.77 -13.10 -11.58
N ILE A 662 -4.24 -13.28 -12.79
CA ILE A 662 -4.45 -14.52 -13.56
C ILE A 662 -3.91 -15.71 -12.78
N ILE A 663 -2.74 -15.59 -12.17
CA ILE A 663 -2.13 -16.68 -11.47
C ILE A 663 -2.96 -17.26 -10.31
N ASN A 664 -3.89 -16.46 -9.76
CA ASN A 664 -4.75 -16.98 -8.74
C ASN A 664 -5.64 -18.11 -9.28
N PHE A 665 -5.77 -18.23 -10.62
CA PHE A 665 -6.69 -19.18 -11.27
C PHE A 665 -6.02 -20.38 -11.95
N VAL A 666 -4.70 -20.48 -11.84
CA VAL A 666 -3.93 -21.50 -12.52
C VAL A 666 -3.03 -22.16 -11.53
N SER A 667 -3.06 -23.49 -11.49
CA SER A 667 -2.04 -24.19 -10.72
C SER A 667 -0.94 -24.72 -11.68
N ASN A 668 0.31 -24.78 -11.24
CA ASN A 668 1.43 -25.22 -11.99
C ASN A 668 1.61 -24.39 -13.27
N LEU A 669 1.47 -23.09 -13.08
CA LEU A 669 1.44 -22.18 -14.23
C LEU A 669 2.77 -22.15 -14.94
N ASP A 670 2.73 -22.42 -16.26
CA ASP A 670 3.79 -22.24 -17.19
C ASP A 670 3.79 -20.79 -17.74
N THR A 671 4.75 -20.00 -17.30
CA THR A 671 4.77 -18.58 -17.58
C THR A 671 4.96 -18.32 -19.04
N ASP A 672 5.66 -19.22 -19.77
CA ASP A 672 5.90 -18.96 -21.18
C ASP A 672 4.61 -19.17 -22.01
N VAL A 673 3.85 -20.17 -21.60
CA VAL A 673 2.52 -20.47 -22.15
C VAL A 673 1.58 -19.29 -21.86
N LEU A 674 1.64 -18.78 -20.66
CA LEU A 674 0.80 -17.60 -20.36
C LEU A 674 1.15 -16.41 -21.25
N ALA A 675 2.43 -16.14 -21.40
CA ALA A 675 2.89 -15.04 -22.25
C ALA A 675 2.36 -15.25 -23.66
N ASP A 676 2.49 -16.47 -24.17
CA ASP A 676 1.96 -16.75 -25.53
C ASP A 676 0.40 -16.52 -25.59
N THR A 677 -0.29 -16.90 -24.52
CA THR A 677 -1.74 -16.73 -24.42
C THR A 677 -2.12 -15.25 -24.51
N LYS A 678 -1.52 -14.43 -23.65
CA LYS A 678 -1.77 -13.00 -23.64
C LYS A 678 -1.46 -12.39 -25.02
N GLU A 679 -0.37 -12.77 -25.64
CA GLU A 679 0.02 -12.20 -26.95
C GLU A 679 -1.04 -12.54 -27.98
N TYR A 680 -1.51 -13.81 -27.96
CA TYR A 680 -2.54 -14.21 -28.92
C TYR A 680 -3.82 -13.41 -28.79
N ILE A 681 -4.28 -13.21 -27.55
CA ILE A 681 -5.51 -12.43 -27.27
C ILE A 681 -5.37 -11.00 -27.71
N TYR A 682 -4.29 -10.36 -27.29
CA TYR A 682 -4.05 -8.98 -27.68
C TYR A 682 -4.04 -8.82 -29.22
N LYS A 683 -3.43 -9.77 -29.88
CA LYS A 683 -3.28 -9.68 -31.35
C LYS A 683 -4.60 -9.91 -32.01
N GLN A 684 -5.41 -10.85 -31.50
CA GLN A 684 -6.82 -11.09 -32.01
C GLN A 684 -7.61 -9.79 -31.92
N ILE A 685 -7.54 -9.10 -30.79
CA ILE A 685 -8.32 -7.90 -30.61
C ILE A 685 -7.76 -6.77 -31.51
N GLY A 686 -6.46 -6.61 -31.55
CA GLY A 686 -5.88 -5.51 -32.34
C GLY A 686 -6.13 -5.69 -33.81
N ASP A 687 -6.11 -6.93 -34.24
CA ASP A 687 -6.47 -7.20 -35.64
C ASP A 687 -7.80 -6.69 -36.04
N LYS A 688 -8.74 -6.62 -35.12
CA LYS A 688 -10.03 -5.99 -35.32
C LYS A 688 -10.07 -4.49 -35.02
N LEU A 689 -9.39 -4.06 -33.96
CA LEU A 689 -9.54 -2.69 -33.41
C LEU A 689 -8.42 -1.69 -33.66
N ASN A 690 -7.27 -2.06 -34.28
CA ASN A 690 -6.18 -1.12 -34.30
C ASN A 690 -6.53 0.19 -35.02
N ASP A 691 -7.38 0.13 -36.04
CA ASP A 691 -7.72 1.39 -36.69
C ASP A 691 -8.53 2.31 -35.76
N VAL A 692 -9.44 1.68 -34.97
CA VAL A 692 -10.18 2.39 -33.92
C VAL A 692 -9.18 3.00 -32.91
N TYR A 693 -8.23 2.15 -32.44
CA TYR A 693 -7.19 2.61 -31.48
C TYR A 693 -6.44 3.82 -32.03
N TYR A 694 -5.96 3.74 -33.25
CA TYR A 694 -5.28 4.86 -33.89
C TYR A 694 -6.17 6.09 -33.95
N LYS A 695 -7.38 5.96 -34.47
CA LYS A 695 -8.26 7.13 -34.58
C LYS A 695 -8.44 7.83 -33.22
N MET A 696 -8.64 7.05 -32.16
CA MET A 696 -8.76 7.58 -30.82
C MET A 696 -7.51 8.19 -30.27
N PHE A 697 -6.34 7.56 -30.48
CA PHE A 697 -5.12 8.12 -30.08
C PHE A 697 -4.99 9.55 -30.66
N LYS A 698 -5.32 9.73 -31.93
CA LYS A 698 -5.20 11.10 -32.53
C LYS A 698 -6.28 12.02 -32.03
N SER A 699 -7.51 11.54 -31.94
CA SER A 699 -8.66 12.45 -31.60
C SER A 699 -8.53 12.96 -30.18
N LEU A 700 -7.98 12.12 -29.29
CA LEU A 700 -7.87 12.53 -27.88
C LEU A 700 -6.76 13.55 -27.58
N GLU A 701 -5.83 13.77 -28.51
CA GLU A 701 -4.59 14.54 -28.29
C GLU A 701 -4.92 15.92 -27.76
N ALA A 702 -5.86 16.58 -28.41
CA ALA A 702 -6.05 18.01 -28.10
C ALA A 702 -6.47 18.14 -26.65
N LYS A 703 -7.44 17.37 -26.20
CA LYS A 703 -7.91 17.50 -24.81
C LYS A 703 -6.95 16.91 -23.79
N ALA A 704 -6.31 15.81 -24.17
CA ALA A 704 -5.38 15.13 -23.26
C ALA A 704 -4.19 15.94 -22.90
N ASP A 705 -3.67 16.63 -23.88
CA ASP A 705 -2.38 17.29 -23.74
C ASP A 705 -2.53 18.82 -23.65
N ASP A 706 -3.75 19.32 -23.52
CA ASP A 706 -4.05 20.78 -23.24
C ASP A 706 -3.23 21.20 -22.01
N LEU A 707 -2.65 22.39 -22.07
CA LEU A 707 -1.81 22.86 -20.96
C LEU A 707 -2.49 23.69 -19.91
N THR A 708 -3.80 23.68 -19.84
CA THR A 708 -4.46 24.29 -18.74
C THR A 708 -3.91 23.71 -17.46
N TYR A 709 -3.57 24.58 -16.50
CA TYR A 709 -3.13 24.21 -15.15
C TYR A 709 -1.68 23.72 -15.17
N PHE A 710 -0.94 23.80 -16.29
CA PHE A 710 0.48 23.31 -16.30
C PHE A 710 1.43 24.07 -15.35
N ASN A 711 1.03 25.30 -14.91
CA ASN A 711 1.83 26.06 -14.00
C ASN A 711 1.19 26.09 -12.62
N ASP A 712 0.12 25.34 -12.42
CA ASP A 712 -0.69 25.42 -11.21
C ASP A 712 -0.46 24.11 -10.43
N GLU A 713 0.33 24.21 -9.38
CA GLU A 713 0.63 23.01 -8.58
C GLU A 713 -0.40 22.82 -7.49
N SER A 714 -1.52 23.56 -7.51
CA SER A 714 -2.55 23.34 -6.53
C SER A 714 -3.75 22.63 -7.09
N HIS A 715 -3.71 22.29 -8.38
CA HIS A 715 -4.94 21.74 -9.05
C HIS A 715 -4.55 20.72 -10.09
N VAL A 716 -5.20 19.56 -10.04
CA VAL A 716 -5.00 18.50 -11.01
C VAL A 716 -6.38 18.15 -11.57
N ASP A 717 -6.43 18.07 -12.90
CA ASP A 717 -7.63 17.57 -13.59
C ASP A 717 -7.46 16.07 -13.83
N PHE A 718 -8.08 15.28 -12.93
CA PHE A 718 -7.88 13.81 -12.99
C PHE A 718 -8.54 13.17 -14.21
N ASP A 719 -9.60 13.79 -14.74
CA ASP A 719 -10.20 13.33 -16.02
CA ASP A 719 -10.20 13.29 -15.99
C ASP A 719 -9.22 13.48 -17.15
N GLN A 720 -8.54 14.62 -17.22
CA GLN A 720 -7.56 14.80 -18.26
C GLN A 720 -6.39 13.84 -18.11
N MET A 721 -5.96 13.58 -16.88
CA MET A 721 -4.98 12.60 -16.65
C MET A 721 -5.35 11.23 -17.20
N ASN A 722 -6.61 10.85 -16.95
CA ASN A 722 -7.16 9.56 -17.51
C ASN A 722 -7.18 9.59 -19.04
N MET A 723 -7.35 10.75 -19.67
CA MET A 723 -7.20 10.78 -21.11
C MET A 723 -5.77 10.49 -21.56
N ARG A 724 -4.76 11.05 -20.87
CA ARG A 724 -3.38 10.71 -21.18
C ARG A 724 -3.14 9.22 -20.96
N THR A 725 -3.70 8.66 -19.90
CA THR A 725 -3.51 7.24 -19.62
C THR A 725 -4.04 6.46 -20.78
N LEU A 726 -5.24 6.80 -21.26
CA LEU A 726 -5.82 6.08 -22.37
C LEU A 726 -4.94 6.22 -23.61
N ARG A 727 -4.48 7.43 -23.94
CA ARG A 727 -3.57 7.57 -25.07
C ARG A 727 -2.33 6.77 -24.96
N ASN A 728 -1.76 6.72 -23.75
CA ASN A 728 -0.57 5.99 -23.61
C ASN A 728 -0.77 4.46 -23.66
N THR A 729 -1.92 4.02 -23.21
CA THR A 729 -2.28 2.59 -23.30
C THR A 729 -2.46 2.22 -24.79
N LEU A 730 -3.19 3.03 -25.51
CA LEU A 730 -3.42 2.79 -26.95
C LEU A 730 -2.10 2.77 -27.73
N LEU A 731 -1.23 3.71 -27.38
CA LEU A 731 0.07 3.80 -28.09
C LEU A 731 0.91 2.57 -27.87
N SER A 732 0.81 1.99 -26.70
CA SER A 732 1.48 0.74 -26.42
C SER A 732 0.96 -0.39 -27.28
N LEU A 733 -0.37 -0.45 -27.33
CA LEU A 733 -1.01 -1.50 -28.13
C LEU A 733 -0.60 -1.40 -29.57
N LEU A 734 -0.63 -0.18 -30.09
CA LEU A 734 -0.28 0.06 -31.52
C LEU A 734 1.19 -0.16 -31.81
N SER A 735 2.06 0.14 -30.86
CA SER A 735 3.46 -0.11 -31.02
C SER A 735 3.84 -1.60 -31.03
N LYS A 736 3.29 -2.37 -30.11
CA LYS A 736 3.49 -3.79 -30.07
C LYS A 736 2.98 -4.41 -31.39
N ALA A 737 1.86 -3.88 -31.87
CA ALA A 737 1.25 -4.37 -33.12
C ALA A 737 2.09 -4.02 -34.34
N GLN A 738 3.05 -3.14 -34.23
CA GLN A 738 3.74 -2.54 -35.42
C GLN A 738 2.80 -1.89 -36.43
N TYR A 739 1.83 -1.17 -35.89
CA TYR A 739 0.86 -0.47 -36.72
C TYR A 739 1.61 0.47 -37.66
N PRO A 740 1.17 0.60 -38.94
CA PRO A 740 2.02 1.26 -39.93
C PRO A 740 2.27 2.67 -39.56
N ASN A 741 3.56 3.00 -39.60
CA ASN A 741 4.08 4.36 -39.39
C ASN A 741 3.89 4.86 -37.99
N ILE A 742 3.63 3.97 -37.04
CA ILE A 742 3.43 4.43 -35.66
C ILE A 742 4.69 5.05 -35.07
N LEU A 743 5.87 4.66 -35.57
CA LEU A 743 7.11 5.24 -35.09
C LEU A 743 7.04 6.75 -35.21
N ASN A 744 6.40 7.27 -36.27
CA ASN A 744 6.24 8.73 -36.33
C ASN A 744 5.51 9.35 -35.12
N GLU A 745 4.41 8.73 -34.72
CA GLU A 745 3.69 9.09 -33.53
C GLU A 745 4.58 8.96 -32.28
N ILE A 746 5.35 7.86 -32.16
CA ILE A 746 6.20 7.70 -30.97
C ILE A 746 7.21 8.86 -30.87
N ILE A 747 7.86 9.20 -32.01
CA ILE A 747 8.81 10.30 -32.00
C ILE A 747 8.17 11.64 -31.66
N GLU A 748 6.99 11.94 -32.17
CA GLU A 748 6.31 13.15 -31.81
C GLU A 748 5.96 13.16 -30.32
N HIS A 749 5.53 12.00 -29.84
CA HIS A 749 5.08 11.86 -28.43
C HIS A 749 6.25 12.20 -27.53
N SER A 750 7.46 11.83 -27.91
CA SER A 750 8.67 12.14 -27.10
C SER A 750 9.00 13.62 -26.95
N LYS A 751 8.37 14.49 -27.76
CA LYS A 751 8.53 15.90 -27.65
C LYS A 751 7.48 16.58 -26.74
N SER A 752 6.55 15.83 -26.14
CA SER A 752 5.49 16.36 -25.34
C SER A 752 6.03 16.93 -24.08
N PRO A 753 5.44 18.02 -23.53
CA PRO A 753 5.93 18.59 -22.30
C PRO A 753 5.61 17.68 -21.10
N TYR A 754 4.66 16.77 -21.23
CA TYR A 754 4.25 15.91 -20.09
C TYR A 754 5.20 14.72 -19.93
N PRO A 755 5.88 14.57 -18.76
CA PRO A 755 6.70 13.40 -18.58
C PRO A 755 5.98 12.06 -18.76
N SER A 756 4.72 11.95 -18.38
CA SER A 756 4.00 10.73 -18.64
C SER A 756 4.07 10.32 -20.11
N ASN A 757 3.90 11.31 -20.97
CA ASN A 757 4.09 11.08 -22.42
C ASN A 757 5.49 10.78 -22.90
N TRP A 758 6.47 11.62 -22.56
CA TRP A 758 7.82 11.32 -23.05
C TRP A 758 8.47 10.12 -22.46
N LEU A 759 8.08 9.70 -21.26
CA LEU A 759 8.58 8.42 -20.79
C LEU A 759 7.81 7.26 -21.45
N THR A 760 6.51 7.42 -21.70
CA THR A 760 5.80 6.41 -22.49
C THR A 760 6.52 6.18 -23.83
N SER A 761 7.00 7.27 -24.43
CA SER A 761 7.71 7.14 -25.75
C SER A 761 8.85 6.22 -25.66
N LEU A 762 9.60 6.29 -24.56
CA LEU A 762 10.71 5.33 -24.38
C LEU A 762 10.21 3.90 -24.26
N SER A 763 9.24 3.65 -23.35
CA SER A 763 8.68 2.28 -23.21
C SER A 763 8.20 1.68 -24.55
N VAL A 764 7.38 2.42 -25.29
CA VAL A 764 6.76 1.93 -26.52
C VAL A 764 7.78 1.81 -27.67
N SER A 765 8.86 2.56 -27.58
CA SER A 765 9.94 2.45 -28.57
C SER A 765 10.73 1.16 -28.46
N ALA A 766 10.51 0.38 -27.38
CA ALA A 766 11.13 -0.91 -27.26
C ALA A 766 11.03 -1.86 -28.48
N TYR A 767 9.95 -1.70 -29.20
CA TYR A 767 9.64 -2.52 -30.35
C TYR A 767 10.27 -2.02 -31.61
N PHE A 768 11.13 -0.99 -31.55
CA PHE A 768 11.74 -0.36 -32.73
C PHE A 768 13.24 -0.14 -32.51
N ASP A 769 13.94 0.06 -33.65
CA ASP A 769 15.34 0.36 -33.68
C ASP A 769 15.68 1.69 -33.00
N LYS A 770 14.70 2.56 -32.77
CA LYS A 770 14.92 3.87 -32.18
C LYS A 770 15.03 3.82 -30.65
N TYR A 771 14.87 2.64 -30.05
CA TYR A 771 14.82 2.60 -28.60
C TYR A 771 16.10 3.23 -27.98
N PHE A 772 17.33 2.87 -28.45
CA PHE A 772 18.48 3.45 -27.81
C PHE A 772 18.65 4.96 -28.00
N GLU A 773 18.15 5.52 -29.08
CA GLU A 773 18.11 6.99 -29.23
C GLU A 773 17.18 7.63 -28.19
N LEU A 774 16.00 7.05 -28.02
CA LEU A 774 15.04 7.56 -26.99
C LEU A 774 15.53 7.31 -25.57
N TYR A 775 16.28 6.24 -25.38
CA TYR A 775 16.93 5.93 -24.07
C TYR A 775 17.85 7.05 -23.71
N ASP A 776 18.69 7.51 -24.64
CA ASP A 776 19.54 8.61 -24.37
C ASP A 776 18.83 9.98 -24.26
N LYS A 777 17.84 10.24 -25.12
CA LYS A 777 17.16 11.47 -25.08
C LYS A 777 16.50 11.61 -23.69
N THR A 778 15.77 10.58 -23.30
CA THR A 778 15.03 10.64 -22.04
C THR A 778 15.94 10.64 -20.85
N TYR A 779 17.07 9.95 -20.93
CA TYR A 779 18.05 10.02 -19.83
C TYR A 779 18.47 11.43 -19.58
N LYS A 780 18.83 12.16 -20.66
CA LYS A 780 19.23 13.55 -20.54
C LYS A 780 18.13 14.43 -19.93
N LEU A 781 16.89 14.14 -20.25
CA LEU A 781 15.75 14.89 -19.70
C LEU A 781 15.55 14.56 -18.22
N SER A 782 16.02 13.41 -17.79
CA SER A 782 15.70 12.92 -16.44
C SER A 782 16.82 13.07 -15.43
N LYS A 783 18.06 13.18 -15.88
CA LYS A 783 19.18 12.90 -15.00
C LYS A 783 19.41 13.95 -13.90
N ASP A 784 18.85 15.16 -14.09
CA ASP A 784 19.11 16.27 -13.12
C ASP A 784 18.05 16.43 -12.05
N ASP A 785 17.10 15.51 -11.99
CA ASP A 785 16.10 15.50 -10.92
C ASP A 785 16.11 14.08 -10.34
N GLU A 786 16.39 13.97 -9.04
CA GLU A 786 16.56 12.66 -8.43
C GLU A 786 15.38 11.70 -8.68
N LEU A 787 14.17 12.23 -8.50
CA LEU A 787 12.98 11.41 -8.57
C LEU A 787 12.63 11.11 -10.02
N LEU A 788 12.80 12.08 -10.94
CA LEU A 788 12.58 11.82 -12.39
C LEU A 788 13.54 10.74 -12.94
N LEU A 789 14.80 10.75 -12.49
CA LEU A 789 15.77 9.74 -12.84
C LEU A 789 15.33 8.38 -12.34
N GLN A 790 14.79 8.32 -11.11
CA GLN A 790 14.20 7.07 -10.66
C GLN A 790 13.01 6.59 -11.54
N GLU A 791 12.16 7.51 -12.02
CA GLU A 791 11.07 7.16 -12.94
C GLU A 791 11.61 6.67 -14.27
N TRP A 792 12.70 7.30 -14.71
CA TRP A 792 13.41 6.80 -15.92
C TRP A 792 13.98 5.41 -15.75
N LEU A 793 14.55 5.13 -14.57
CA LEU A 793 15.03 3.78 -14.25
C LEU A 793 13.91 2.78 -14.36
N LYS A 794 12.75 3.09 -13.78
CA LYS A 794 11.63 2.15 -13.81
C LYS A 794 11.18 1.91 -15.26
N THR A 795 11.23 2.97 -16.06
CA THR A 795 10.76 2.89 -17.47
C THR A 795 11.69 1.97 -18.27
N VAL A 796 12.97 2.10 -18.03
CA VAL A 796 13.95 1.20 -18.66
C VAL A 796 13.74 -0.25 -18.19
N SER A 797 13.64 -0.41 -16.90
CA SER A 797 13.50 -1.75 -16.26
C SER A 797 12.29 -2.50 -16.77
N ARG A 798 11.19 -1.82 -16.99
CA ARG A 798 9.95 -2.44 -17.45
C ARG A 798 9.89 -2.58 -18.98
N SER A 799 10.92 -2.09 -19.67
CA SER A 799 10.88 -2.10 -21.15
C SER A 799 10.90 -3.52 -21.73
N ASP A 800 10.01 -3.70 -22.75
CA ASP A 800 9.82 -5.06 -23.36
C ASP A 800 10.88 -5.26 -24.38
N ARG A 801 12.07 -5.60 -23.87
CA ARG A 801 13.30 -5.72 -24.64
C ARG A 801 13.81 -7.16 -24.54
N LYS A 802 14.17 -7.74 -25.70
CA LYS A 802 14.84 -9.06 -25.69
C LYS A 802 16.23 -9.02 -25.03
N ASP A 803 16.88 -7.86 -25.04
CA ASP A 803 18.16 -7.63 -24.41
C ASP A 803 18.06 -7.01 -23.01
N ILE A 804 16.96 -7.26 -22.31
CA ILE A 804 16.76 -6.60 -20.98
C ILE A 804 17.88 -6.96 -20.00
N TYR A 805 18.45 -8.18 -20.04
CA TYR A 805 19.46 -8.48 -19.11
C TYR A 805 20.71 -7.61 -19.35
N GLU A 806 21.08 -7.35 -20.62
CA GLU A 806 22.26 -6.52 -20.92
C GLU A 806 21.98 -5.07 -20.55
N ILE A 807 20.72 -4.66 -20.68
CA ILE A 807 20.30 -3.30 -20.27
C ILE A 807 20.41 -3.16 -18.76
N LEU A 808 19.99 -4.15 -18.00
CA LEU A 808 20.11 -4.09 -16.50
C LEU A 808 21.56 -3.97 -16.08
N LYS A 809 22.45 -4.74 -16.72
CA LYS A 809 23.88 -4.61 -16.41
C LYS A 809 24.35 -3.16 -16.73
N LYS A 810 23.86 -2.56 -17.83
CA LYS A 810 24.21 -1.16 -18.18
C LYS A 810 23.67 -0.20 -17.07
N LEU A 811 22.45 -0.45 -16.57
CA LEU A 811 21.96 0.39 -15.49
C LEU A 811 22.81 0.29 -14.21
N GLU A 812 23.15 -0.92 -13.85
CA GLU A 812 24.00 -1.19 -12.70
C GLU A 812 25.27 -0.44 -12.83
N ASN A 813 25.92 -0.57 -13.97
CA ASN A 813 27.25 0.04 -14.11
C ASN A 813 27.29 1.49 -14.29
N GLU A 814 26.32 2.01 -14.98
CA GLU A 814 26.31 3.43 -15.31
C GLU A 814 25.50 4.38 -14.43
N VAL A 815 24.46 3.85 -13.76
CA VAL A 815 23.54 4.71 -13.05
C VAL A 815 23.32 4.36 -11.60
N LEU A 816 23.03 3.08 -11.34
CA LEU A 816 22.81 2.65 -9.96
C LEU A 816 24.08 2.60 -9.17
N LYS A 817 25.08 1.97 -9.77
CA LYS A 817 26.34 1.78 -9.10
C LYS A 817 26.20 1.29 -7.65
N ASP A 818 26.76 2.02 -6.71
CA ASP A 818 26.86 1.46 -5.32
C ASP A 818 25.73 2.02 -4.43
N SER A 819 24.73 2.64 -5.05
CA SER A 819 23.67 3.30 -4.27
C SER A 819 23.05 2.41 -3.23
N LYS A 820 22.82 2.97 -2.04
CA LYS A 820 22.07 2.26 -1.00
C LYS A 820 20.66 2.89 -0.85
N ASN A 821 20.27 3.75 -1.79
CA ASN A 821 18.97 4.42 -1.77
C ASN A 821 17.93 3.38 -2.18
N PRO A 822 17.00 3.04 -1.27
CA PRO A 822 15.96 2.08 -1.65
C PRO A 822 15.14 2.44 -2.89
N ASN A 823 14.97 3.74 -3.16
CA ASN A 823 14.22 4.06 -4.35
C ASN A 823 15.03 3.76 -5.60
N ASP A 824 16.34 3.83 -5.53
CA ASP A 824 17.13 3.52 -6.76
C ASP A 824 17.11 2.01 -6.98
N ILE A 825 17.33 1.24 -5.89
CA ILE A 825 17.38 -0.24 -6.01
C ILE A 825 16.02 -0.78 -6.48
N ARG A 826 14.91 -0.28 -5.88
CA ARG A 826 13.62 -0.73 -6.31
C ARG A 826 13.30 -0.38 -7.74
N ALA A 827 13.79 0.79 -8.18
CA ALA A 827 13.48 1.27 -9.54
C ALA A 827 14.18 0.42 -10.59
N VAL A 828 15.40 0.00 -10.29
CA VAL A 828 16.15 -0.83 -11.24
C VAL A 828 15.56 -2.22 -11.43
N TYR A 829 15.17 -2.84 -10.33
CA TYR A 829 14.85 -4.30 -10.29
C TYR A 829 13.40 -4.67 -10.29
N LEU A 830 12.49 -3.98 -9.54
CA LEU A 830 11.13 -4.47 -9.41
C LEU A 830 10.40 -4.51 -10.76
N PRO A 831 10.44 -3.43 -11.58
CA PRO A 831 9.66 -3.50 -12.80
C PRO A 831 10.07 -4.70 -13.68
N PHE A 832 11.36 -4.96 -13.78
CA PHE A 832 11.87 -6.08 -14.54
C PHE A 832 11.34 -7.40 -14.01
N THR A 833 11.17 -7.54 -12.68
CA THR A 833 10.61 -8.80 -12.17
C THR A 833 9.19 -9.07 -12.63
N ASN A 834 8.45 -8.06 -13.14
CA ASN A 834 7.11 -8.22 -13.72
CA ASN A 834 7.15 -8.28 -13.68
C ASN A 834 7.15 -8.57 -15.18
N ASN A 835 8.34 -8.72 -15.75
CA ASN A 835 8.48 -9.11 -17.18
C ASN A 835 8.28 -10.63 -17.24
N LEU A 836 7.08 -11.01 -17.66
CA LEU A 836 6.69 -12.43 -17.60
C LEU A 836 7.57 -13.35 -18.37
N ARG A 837 7.91 -12.99 -19.60
CA ARG A 837 8.84 -13.80 -20.38
C ARG A 837 10.26 -13.84 -19.93
N ARG A 838 10.81 -12.68 -19.55
CA ARG A 838 12.21 -12.60 -19.25
C ARG A 838 12.58 -12.90 -17.80
N PHE A 839 11.83 -12.39 -16.80
CA PHE A 839 12.17 -12.71 -15.42
C PHE A 839 12.11 -14.23 -15.15
N HIS A 840 11.12 -14.87 -15.77
CA HIS A 840 10.89 -16.31 -15.56
C HIS A 840 11.63 -17.16 -16.58
N ASP A 841 12.65 -16.60 -17.22
CA ASP A 841 13.50 -17.38 -18.11
C ASP A 841 13.82 -18.75 -17.52
N ILE A 842 13.58 -19.80 -18.32
CA ILE A 842 13.63 -21.18 -17.84
C ILE A 842 15.02 -21.57 -17.34
N SER A 843 16.10 -20.86 -17.69
CA SER A 843 17.42 -21.03 -17.10
C SER A 843 17.54 -20.72 -15.62
N GLY A 844 16.60 -19.93 -15.15
CA GLY A 844 16.62 -19.47 -13.76
C GLY A 844 17.41 -18.18 -13.56
N LYS A 845 17.90 -17.57 -14.64
CA LYS A 845 18.90 -16.50 -14.53
C LYS A 845 18.27 -15.25 -13.91
N GLY A 846 16.96 -15.08 -14.09
CA GLY A 846 16.20 -14.00 -13.45
C GLY A 846 16.10 -14.18 -11.97
N TYR A 847 15.83 -15.42 -11.56
CA TYR A 847 15.67 -15.72 -10.15
C TYR A 847 17.01 -15.50 -9.44
N LYS A 848 18.07 -15.94 -10.07
CA LYS A 848 19.43 -15.79 -9.55
C LYS A 848 19.81 -14.31 -9.43
N LEU A 849 19.51 -13.48 -10.40
CA LEU A 849 19.87 -12.06 -10.35
C LEU A 849 19.14 -11.40 -9.20
N ILE A 850 17.85 -11.65 -9.07
CA ILE A 850 17.14 -10.98 -7.99
C ILE A 850 17.60 -11.52 -6.61
N ALA A 851 17.83 -12.83 -6.50
CA ALA A 851 18.27 -13.37 -5.21
C ALA A 851 19.63 -12.75 -4.80
N GLU A 852 20.51 -12.48 -5.77
CA GLU A 852 21.82 -11.83 -5.45
C GLU A 852 21.59 -10.41 -4.95
N VAL A 853 20.63 -9.71 -5.52
CA VAL A 853 20.29 -8.34 -5.06
C VAL A 853 19.73 -8.40 -3.66
N ILE A 854 18.84 -9.37 -3.41
CA ILE A 854 18.22 -9.46 -2.12
C ILE A 854 19.33 -9.67 -1.06
N THR A 855 20.20 -10.62 -1.34
CA THR A 855 21.26 -10.96 -0.37
C THR A 855 22.21 -9.78 -0.15
N LYS A 856 22.52 -9.05 -1.23
CA LYS A 856 23.39 -7.89 -1.13
C LYS A 856 22.77 -6.84 -0.27
N THR A 857 21.48 -6.59 -0.55
CA THR A 857 20.77 -5.51 0.14
C THR A 857 20.57 -5.87 1.63
N ASP A 858 20.38 -7.16 1.92
CA ASP A 858 20.12 -7.60 3.30
C ASP A 858 21.25 -7.25 4.25
N LYS A 859 22.45 -7.11 3.70
CA LYS A 859 23.57 -6.79 4.61
C LYS A 859 23.54 -5.38 5.09
N PHE A 860 22.71 -4.52 4.49
CA PHE A 860 22.57 -3.18 5.08
C PHE A 860 21.12 -2.70 5.33
N ASN A 861 20.15 -3.28 4.64
CA ASN A 861 18.75 -2.91 4.82
C ASN A 861 17.84 -4.10 4.71
N PRO A 862 17.63 -4.80 5.84
CA PRO A 862 16.80 -6.02 5.82
C PRO A 862 15.35 -5.76 5.37
N MET A 863 14.79 -4.60 5.68
CA MET A 863 13.39 -4.34 5.33
C MET A 863 13.27 -4.25 3.80
N VAL A 864 14.18 -3.56 3.16
CA VAL A 864 14.17 -3.47 1.70
C VAL A 864 14.47 -4.81 1.03
N ALA A 865 15.37 -5.62 1.63
CA ALA A 865 15.66 -6.90 1.09
C ALA A 865 14.42 -7.76 1.08
N THR A 866 13.59 -7.70 2.14
CA THR A 866 12.34 -8.46 2.15
CA THR A 866 12.34 -8.47 2.18
C THR A 866 11.35 -7.99 1.13
N GLN A 867 11.33 -6.66 0.91
CA GLN A 867 10.51 -6.15 -0.21
C GLN A 867 10.88 -6.73 -1.58
N LEU A 868 12.19 -6.88 -1.81
CA LEU A 868 12.74 -7.39 -3.04
C LEU A 868 12.42 -8.89 -3.25
N CYS A 869 11.95 -9.54 -2.19
CA CYS A 869 11.52 -10.97 -2.28
C CYS A 869 10.19 -11.15 -2.94
N GLU A 870 9.44 -10.05 -3.13
CA GLU A 870 8.09 -10.10 -3.71
C GLU A 870 7.85 -11.10 -4.84
N PRO A 871 8.71 -11.16 -5.87
CA PRO A 871 8.46 -12.07 -6.99
C PRO A 871 8.42 -13.54 -6.59
N PHE A 872 9.04 -13.88 -5.47
CA PHE A 872 9.10 -15.28 -5.10
C PHE A 872 7.83 -15.73 -4.42
N LYS A 873 6.92 -14.81 -4.05
CA LYS A 873 5.73 -15.18 -3.26
C LYS A 873 4.85 -16.14 -3.98
N LEU A 874 4.90 -16.14 -5.31
CA LEU A 874 4.06 -17.06 -6.09
C LEU A 874 4.75 -18.37 -6.46
N TRP A 875 5.89 -18.71 -5.80
CA TRP A 875 6.71 -19.81 -6.28
C TRP A 875 5.96 -21.15 -6.40
N ASN A 876 5.10 -21.44 -5.44
CA ASN A 876 4.45 -22.72 -5.40
C ASN A 876 3.18 -22.78 -6.31
N LYS A 877 2.98 -21.72 -7.09
CA LYS A 877 1.97 -21.65 -8.14
C LYS A 877 2.53 -21.97 -9.51
N LEU A 878 3.87 -22.09 -9.68
CA LEU A 878 4.48 -22.19 -10.99
C LEU A 878 4.57 -23.67 -11.41
N ASP A 879 4.95 -23.89 -12.67
CA ASP A 879 5.24 -25.23 -13.12
C ASP A 879 6.39 -25.82 -12.33
N THR A 880 6.48 -27.13 -12.27
CA THR A 880 7.47 -27.70 -11.33
C THR A 880 9.02 -27.43 -11.60
N LYS A 881 9.44 -27.16 -12.82
CA LYS A 881 10.81 -26.71 -13.06
C LYS A 881 11.10 -25.31 -12.47
N ARG A 882 10.17 -24.40 -12.71
CA ARG A 882 10.31 -23.06 -12.09
C ARG A 882 10.18 -23.06 -10.60
N GLN A 883 9.29 -23.85 -10.03
CA GLN A 883 9.22 -24.01 -8.57
C GLN A 883 10.58 -24.42 -8.03
N GLU A 884 11.21 -25.39 -8.73
CA GLU A 884 12.51 -25.92 -8.24
C GLU A 884 13.64 -24.87 -8.29
N LEU A 885 13.64 -24.10 -9.37
CA LEU A 885 14.62 -22.99 -9.54
C LEU A 885 14.41 -21.93 -8.46
N MET A 886 13.18 -21.52 -8.22
CA MET A 886 12.94 -20.49 -7.21
C MET A 886 13.29 -21.01 -5.83
N LEU A 887 12.90 -22.26 -5.56
CA LEU A 887 13.22 -22.85 -4.27
C LEU A 887 14.74 -22.96 -4.05
N ASN A 888 15.46 -23.27 -5.09
CA ASN A 888 16.91 -23.35 -5.05
CA ASN A 888 16.88 -23.37 -4.92
C ASN A 888 17.46 -22.02 -4.56
N GLU A 889 17.02 -20.92 -5.19
CA GLU A 889 17.52 -19.60 -4.82
C GLU A 889 17.08 -19.19 -3.42
N MET A 890 15.80 -19.46 -3.00
CA MET A 890 15.36 -19.15 -1.65
C MET A 890 16.21 -19.89 -0.61
N ASN A 891 16.45 -21.18 -0.81
CA ASN A 891 17.29 -21.91 0.14
C ASN A 891 18.76 -21.39 0.15
N THR A 892 19.31 -21.00 -1.00
CA THR A 892 20.63 -20.33 -1.07
C THR A 892 20.65 -19.08 -0.24
N MET A 893 19.61 -18.26 -0.40
CA MET A 893 19.51 -17.07 0.48
C MET A 893 19.47 -17.34 1.97
N LEU A 894 18.80 -18.42 2.37
CA LEU A 894 18.61 -18.82 3.74
C LEU A 894 19.90 -19.30 4.37
N GLN A 895 20.81 -19.73 3.51
CA GLN A 895 22.17 -20.21 3.90
C GLN A 895 23.17 -19.12 4.08
N GLU A 896 22.80 -17.89 3.78
CA GLU A 896 23.76 -16.84 3.81
C GLU A 896 24.13 -16.54 5.23
N PRO A 897 25.47 -16.49 5.51
CA PRO A 897 25.75 -16.10 6.89
C PRO A 897 25.29 -14.68 7.28
N ASN A 898 24.85 -14.56 8.55
CA ASN A 898 24.38 -13.34 9.17
C ASN A 898 23.14 -12.80 8.47
N ILE A 899 22.42 -13.66 7.83
CA ILE A 899 21.07 -13.27 7.33
C ILE A 899 20.26 -12.63 8.39
N SER A 900 19.53 -11.54 8.05
CA SER A 900 18.76 -10.87 9.00
C SER A 900 17.60 -11.69 9.54
N ASN A 901 17.11 -11.32 10.72
CA ASN A 901 15.96 -11.99 11.24
C ASN A 901 14.75 -11.75 10.34
N ASN A 902 14.64 -10.52 9.78
CA ASN A 902 13.51 -10.15 8.87
C ASN A 902 13.46 -11.09 7.66
N LEU A 903 14.58 -11.24 6.99
CA LEU A 903 14.63 -12.06 5.79
C LEU A 903 14.49 -13.56 6.08
N LYS A 904 15.22 -14.02 7.08
CA LYS A 904 15.13 -15.38 7.47
C LYS A 904 13.74 -15.80 7.84
N GLU A 905 13.02 -15.04 8.66
CA GLU A 905 11.61 -15.37 9.02
C GLU A 905 10.72 -15.44 7.73
N TYR A 906 10.89 -14.43 6.87
CA TYR A 906 10.07 -14.29 5.67
C TYR A 906 10.24 -15.53 4.80
N LEU A 907 11.52 -15.85 4.54
CA LEU A 907 11.83 -17.01 3.69
C LEU A 907 11.49 -18.36 4.30
N LEU A 908 11.63 -18.49 5.64
CA LEU A 908 11.20 -19.74 6.30
C LEU A 908 9.70 -19.97 6.17
N ARG A 909 8.94 -18.91 6.36
CA ARG A 909 7.49 -18.97 6.23
CA ARG A 909 7.49 -18.94 6.23
C ARG A 909 7.11 -19.28 4.77
N LEU A 910 7.72 -18.57 3.83
CA LEU A 910 7.38 -18.70 2.42
C LEU A 910 7.68 -20.09 1.88
N THR A 911 8.70 -20.78 2.47
CA THR A 911 9.11 -22.12 1.96
C THR A 911 8.57 -23.23 2.83
N ASN A 912 7.58 -22.93 3.67
CA ASN A 912 6.84 -23.96 4.48
C ASN A 912 7.76 -24.63 5.44
N LYS A 913 8.59 -23.84 6.11
CA LYS A 913 9.39 -24.39 7.21
C LYS A 913 8.99 -23.72 8.55
N LEU A 914 8.08 -22.71 8.51
CA LEU A 914 7.72 -21.91 9.73
C LEU A 914 6.26 -21.41 9.74
ZN ZN B . -0.31 4.02 7.81
MG MG C . 25.15 1.43 17.52
MG MG D . 20.83 9.85 -4.75
MG MG E . -2.63 3.91 -0.88
C1 GOL F . 0.16 -5.16 -24.01
O1 GOL F . 1.02 -6.24 -23.64
C2 GOL F . 0.63 -4.45 -25.23
O2 GOL F . 2.02 -3.98 -25.10
C3 GOL F . 0.60 -5.52 -26.31
O3 GOL F . -0.59 -6.00 -26.90
O1 8KR G . 4.32 3.71 3.80
C1 8KR G . 3.84 2.63 4.15
N 8KR G . 3.56 1.76 3.12
CA 8KR G . 2.91 0.43 3.16
C 8KR G . 1.77 0.31 2.37
C4 8KR G . 1.17 -0.96 2.37
CD1 8KR G . 1.72 -2.01 3.06
CG1 8KR G . 2.85 -1.86 3.78
CB 8KR G . 3.50 -0.62 3.83
CG2 8KR G . 4.71 -0.55 4.65
N2 8KR G . 3.47 2.22 5.40
C9 8KR G . 3.72 3.16 6.38
C10 8KR G . 4.37 2.31 7.44
C11 8KR G . 5.25 2.97 8.44
C12 8KR G . 6.57 3.53 7.90
C13 8KR G . 5.64 2.05 9.57
C14 8KR G . 2.43 3.65 7.00
O2 8KR G . 1.36 3.02 7.07
N3 8KR G . 2.39 5.00 7.15
O3 8KR G . 1.25 5.51 7.77
#